data_9BJG
#
_entry.id   9BJG
#
_cell.length_a   93.236
_cell.length_b   93.236
_cell.length_c   228.015
_cell.angle_alpha   90.000
_cell.angle_beta   90.000
_cell.angle_gamma   120.000
#
_symmetry.space_group_name_H-M   'P 32 2 1'
#
loop_
_entity.id
_entity.type
_entity.pdbx_description
1 polymer 'Apical membrane antigen 1'
2 polymer '75B10 Fab Heavy Chain'
3 polymer '75B10 Fab Light Chain'
4 water water
#
loop_
_entity_poly.entity_id
_entity_poly.type
_entity_poly.pdbx_seq_one_letter_code
_entity_poly.pdbx_strand_id
1 'polypeptide(L)'
;ETGNYMGNPWTEYMAKYDIEEVHGSGIRVDLGEDAEVAGTQYRLPSGKCPVFGKGIIIENSNTAFLTPVATGNQYLKDGG
FAFPPTEPLMSPMTLDEMRHFYKDNKYVKNLDELTLCSRHAGNMIPDNDKNSNYKYPAVYDDKDKKCHILYIAAQENNGP
RYCNKDESKRNSMFCFRPAKDISFQNYAYLSKNVVDNWEKVCPRKNLQNAKFGLWVDGNCEDIPHVNEFPAIDLFECNKL
VFELSASDQPKQYEQHLTDYEKIKEGFKNKNAAMIKSAFLPTGAFKADRYKSHGKGYNWGNYNTETQKCEIFNVKPTCLI
NNAAYIATTALSHPIEVEGTKHHHHHH
;
A
2 'polypeptide(L)'
;MGIQVQLVQSGGGLVKPGGSLIISCEGSGYRFSDYHMSWIRQVPGKGMEWVADITTKGDQTAYADSVRGRFTVSRDNAKN
SMFLQMNGLKVEDTAVYFCGRDRFRGGYNYPSDIYSHAPDHWGQGQLVTVSSASTKGPSVFPLAPSSKSTSGGTAALGCL
VKDYFPEPVTVSWNSGALTSGVHTFPAVLQSSGLYSLSSVVTVPSSSLGTQTYICNVNHKPSNTKVDKKVEPKSCDKTGG
SHHHHHH
;
H
3 'polypeptide(L)'
;MGIDIQMTQSPSTLSASVGDRVTITCRASQTINNWLAWYQQKPGRAPKVLIYAASDLDSGVPSRFSASGSGTHFSLTISS
LQPDDFATYFCQQYNEFPVTFGQGTKLELKRTVAAPSVFIFPPSDEQLKSGTASVVCLLNNFYPREAKVQWKVDNALQSG
NSQESVTEQDSKDSTYSLSSTLTLSKADYEKHKVYACEVTHQGLSSPVTKSFNRGEC
;
L
#
# COMPACT_ATOMS: atom_id res chain seq x y z
N ASN A 8 14.45 3.84 -47.34
CA ASN A 8 13.78 4.50 -46.23
C ASN A 8 14.23 3.89 -44.90
N PRO A 9 15.07 4.61 -44.15
CA PRO A 9 15.56 4.07 -42.87
C PRO A 9 14.51 3.99 -41.78
N TRP A 10 13.34 4.59 -41.97
CA TRP A 10 12.28 4.56 -40.97
C TRP A 10 11.31 3.40 -41.17
N THR A 11 11.56 2.52 -42.14
CA THR A 11 10.56 1.50 -42.49
C THR A 11 10.23 0.60 -41.30
N GLU A 12 11.25 0.03 -40.67
CA GLU A 12 11.00 -0.94 -39.61
C GLU A 12 10.50 -0.28 -38.32
N TYR A 13 10.95 0.94 -38.03
CA TYR A 13 10.51 1.61 -36.83
C TYR A 13 9.06 2.07 -36.95
N MET A 14 8.66 2.52 -38.13
CA MET A 14 7.33 3.06 -38.35
C MET A 14 6.28 2.00 -38.64
N ALA A 15 6.67 0.72 -38.64
CA ALA A 15 5.72 -0.34 -38.98
C ALA A 15 4.54 -0.37 -38.02
N LYS A 16 4.78 -0.08 -36.74
CA LYS A 16 3.70 -0.16 -35.75
C LYS A 16 2.69 0.98 -35.89
N TYR A 17 2.99 2.01 -36.68
CA TYR A 17 2.04 3.06 -36.97
C TYR A 17 1.29 2.82 -38.27
N ASP A 18 1.56 1.71 -38.95
CA ASP A 18 0.76 1.26 -40.09
C ASP A 18 -0.50 0.60 -39.53
N ILE A 19 -1.40 1.45 -39.03
CA ILE A 19 -2.56 0.97 -38.28
C ILE A 19 -3.43 0.08 -39.16
N GLU A 20 -3.56 0.43 -40.44
CA GLU A 20 -4.36 -0.39 -41.33
C GLU A 20 -3.86 -1.82 -41.43
N GLU A 21 -2.57 -2.06 -41.14
CA GLU A 21 -1.98 -3.39 -41.21
C GLU A 21 -1.85 -4.04 -39.84
N VAL A 22 -1.27 -3.34 -38.86
CA VAL A 22 -1.02 -3.93 -37.55
C VAL A 22 -2.25 -3.99 -36.67
N HIS A 23 -3.33 -3.29 -37.04
CA HIS A 23 -4.60 -3.36 -36.31
C HIS A 23 -5.70 -3.98 -37.15
N GLY A 24 -5.94 -3.46 -38.36
CA GLY A 24 -6.79 -4.11 -39.33
C GLY A 24 -8.27 -4.00 -39.10
N SER A 25 -8.72 -3.15 -38.18
CA SER A 25 -10.14 -3.00 -37.91
C SER A 25 -10.39 -1.60 -37.38
N GLY A 26 -11.66 -1.29 -37.16
CA GLY A 26 -12.01 0.01 -36.63
C GLY A 26 -11.47 0.21 -35.23
N ILE A 27 -11.29 1.49 -34.88
CA ILE A 27 -10.75 1.88 -33.58
C ILE A 27 -11.83 2.52 -32.72
N ARG A 28 -12.48 3.57 -33.22
CA ARG A 28 -13.64 4.13 -32.53
C ARG A 28 -14.70 3.05 -32.32
N VAL A 29 -15.09 2.38 -33.40
CA VAL A 29 -16.01 1.25 -33.35
C VAL A 29 -15.33 0.07 -34.03
N ASP A 30 -15.09 -1.00 -33.29
CA ASP A 30 -14.41 -2.18 -33.81
C ASP A 30 -15.46 -3.27 -33.99
N LEU A 31 -15.84 -3.52 -35.24
CA LEU A 31 -16.77 -4.59 -35.60
C LEU A 31 -16.31 -5.25 -36.90
N GLY A 32 -15.01 -5.56 -36.98
CA GLY A 32 -14.40 -5.97 -38.21
C GLY A 32 -14.56 -7.41 -38.62
N GLU A 33 -15.25 -8.24 -37.82
CA GLU A 33 -15.45 -9.63 -38.16
C GLU A 33 -16.87 -10.05 -37.82
N ASP A 34 -17.29 -11.20 -38.37
CA ASP A 34 -18.58 -11.79 -38.12
C ASP A 34 -18.41 -13.21 -37.60
N ALA A 35 -19.39 -13.67 -36.84
CA ALA A 35 -19.36 -15.00 -36.25
C ALA A 35 -20.77 -15.53 -36.11
N GLU A 36 -20.90 -16.86 -36.12
CA GLU A 36 -22.18 -17.55 -36.03
C GLU A 36 -22.42 -17.99 -34.60
N VAL A 37 -23.61 -17.70 -34.08
CA VAL A 37 -24.04 -18.13 -32.75
C VAL A 37 -25.47 -18.61 -32.87
N ALA A 38 -25.66 -19.93 -32.82
CA ALA A 38 -26.99 -20.54 -32.95
C ALA A 38 -27.65 -20.08 -34.25
N GLY A 39 -26.92 -20.20 -35.35
CA GLY A 39 -27.44 -19.87 -36.67
C GLY A 39 -27.28 -18.42 -37.09
N THR A 40 -27.71 -17.50 -36.23
CA THR A 40 -27.64 -16.08 -36.56
C THR A 40 -26.19 -15.60 -36.61
N GLN A 41 -25.93 -14.66 -37.52
CA GLN A 41 -24.61 -14.07 -37.71
C GLN A 41 -24.57 -12.71 -37.01
N TYR A 42 -23.55 -12.49 -36.20
CA TYR A 42 -23.40 -11.27 -35.42
C TYR A 42 -22.04 -10.64 -35.70
N ARG A 43 -21.96 -9.33 -35.47
CA ARG A 43 -20.72 -8.60 -35.62
C ARG A 43 -19.91 -8.64 -34.32
N LEU A 44 -18.62 -8.36 -34.44
CA LEU A 44 -17.66 -8.76 -33.41
C LEU A 44 -16.35 -8.00 -33.50
N PRO A 45 -15.87 -7.39 -32.41
CA PRO A 45 -14.56 -6.72 -32.47
C PRO A 45 -13.46 -7.68 -32.88
N SER A 46 -12.55 -7.18 -33.73
CA SER A 46 -11.50 -8.02 -34.31
C SER A 46 -10.17 -7.30 -34.46
N GLY A 47 -10.01 -6.11 -33.87
CA GLY A 47 -8.74 -5.42 -33.96
C GLY A 47 -7.62 -6.19 -33.26
N LYS A 48 -6.41 -6.01 -33.78
CA LYS A 48 -5.25 -6.75 -33.30
C LYS A 48 -4.42 -5.98 -32.28
N CYS A 49 -4.74 -4.72 -32.02
CA CYS A 49 -3.98 -3.94 -31.05
C CYS A 49 -4.87 -3.50 -29.91
N PRO A 50 -4.31 -3.34 -28.70
CA PRO A 50 -5.09 -2.73 -27.62
C PRO A 50 -5.44 -1.30 -27.97
N VAL A 51 -6.61 -0.88 -27.50
CA VAL A 51 -7.07 0.49 -27.66
C VAL A 51 -6.99 1.13 -26.27
N PHE A 52 -5.92 1.88 -26.03
CA PHE A 52 -5.67 2.43 -24.70
C PHE A 52 -6.55 3.64 -24.45
N GLY A 53 -7.19 3.68 -23.28
CA GLY A 53 -8.02 4.79 -22.89
C GLY A 53 -9.43 4.77 -23.43
N LYS A 54 -9.87 3.67 -24.01
CA LYS A 54 -11.19 3.58 -24.61
C LYS A 54 -12.21 3.02 -23.62
N GLY A 55 -13.39 3.63 -23.61
CA GLY A 55 -14.52 3.14 -22.85
C GLY A 55 -15.79 3.52 -23.56
N ILE A 56 -16.91 3.15 -22.94
CA ILE A 56 -18.24 3.43 -23.48
C ILE A 56 -18.97 4.33 -22.49
N ILE A 57 -19.46 5.46 -22.98
CA ILE A 57 -20.24 6.39 -22.17
C ILE A 57 -21.72 6.07 -22.36
N ILE A 58 -22.45 5.86 -21.25
CA ILE A 58 -23.90 5.51 -21.31
C ILE A 58 -24.67 6.83 -21.30
N GLU A 59 -24.80 7.48 -22.46
CA GLU A 59 -25.47 8.80 -22.58
C GLU A 59 -26.74 8.80 -21.72
N ASN A 60 -26.88 9.76 -20.81
CA ASN A 60 -28.08 9.90 -19.93
C ASN A 60 -28.13 8.71 -18.96
N SER A 61 -27.04 8.43 -18.25
CA SER A 61 -26.97 7.32 -17.25
C SER A 61 -25.82 7.56 -16.27
N ASN A 62 -25.99 7.17 -15.00
CA ASN A 62 -24.93 7.29 -13.95
C ASN A 62 -24.34 5.89 -13.76
N THR A 63 -24.59 4.97 -14.69
CA THR A 63 -24.13 3.58 -14.63
C THR A 63 -22.91 3.44 -15.51
N ALA A 64 -21.77 3.07 -14.90
CA ALA A 64 -20.55 2.81 -15.65
C ALA A 64 -20.74 1.60 -16.55
N PHE A 65 -20.06 1.62 -17.70
CA PHE A 65 -20.27 0.58 -18.69
C PHE A 65 -19.65 -0.75 -18.28
N LEU A 66 -18.79 -0.78 -17.26
CA LEU A 66 -18.24 -2.04 -16.77
C LEU A 66 -19.11 -2.69 -15.69
N THR A 67 -20.24 -2.07 -15.35
CA THR A 67 -21.22 -2.74 -14.51
C THR A 67 -21.83 -3.92 -15.26
N PRO A 68 -22.08 -5.03 -14.58
CA PRO A 68 -22.66 -6.20 -15.28
C PRO A 68 -24.00 -5.86 -15.90
N VAL A 69 -24.28 -6.53 -17.03
CA VAL A 69 -25.54 -6.31 -17.74
C VAL A 69 -26.71 -6.61 -16.81
N ALA A 70 -27.87 -6.07 -17.17
CA ALA A 70 -29.10 -6.38 -16.45
C ALA A 70 -29.35 -7.89 -16.49
N THR A 71 -29.61 -8.47 -15.32
CA THR A 71 -29.83 -9.91 -15.18
C THR A 71 -31.31 -10.26 -15.08
N GLY A 72 -32.20 -9.34 -15.42
CA GLY A 72 -33.62 -9.63 -15.41
C GLY A 72 -34.16 -9.80 -14.01
N LEU A 76 -32.54 -3.13 -18.52
CA LEU A 76 -31.44 -2.86 -19.43
C LEU A 76 -30.74 -1.55 -19.04
N LYS A 77 -31.54 -0.52 -18.78
CA LYS A 77 -31.00 0.73 -18.25
C LYS A 77 -30.19 0.50 -16.99
N ASP A 78 -30.61 -0.46 -16.16
CA ASP A 78 -30.08 -0.58 -14.81
C ASP A 78 -28.60 -0.93 -14.82
N GLY A 79 -28.18 -1.84 -15.71
CA GLY A 79 -26.83 -2.33 -15.73
C GLY A 79 -26.02 -1.80 -16.90
N GLY A 80 -24.79 -2.29 -16.99
CA GLY A 80 -23.86 -1.89 -18.01
C GLY A 80 -23.63 -2.94 -19.08
N PHE A 81 -22.37 -3.06 -19.53
CA PHE A 81 -22.02 -3.91 -20.65
C PHE A 81 -21.28 -5.18 -20.24
N ALA A 82 -20.93 -5.31 -18.96
CA ALA A 82 -19.98 -6.34 -18.55
C ALA A 82 -20.67 -7.68 -18.35
N PHE A 83 -19.84 -8.71 -18.33
CA PHE A 83 -20.32 -10.07 -18.17
C PHE A 83 -21.04 -10.20 -16.83
N PRO A 84 -22.19 -10.85 -16.78
CA PRO A 84 -22.93 -10.97 -15.51
C PRO A 84 -22.23 -11.95 -14.58
N PRO A 85 -22.54 -11.89 -13.28
CA PRO A 85 -21.89 -12.80 -12.34
C PRO A 85 -22.26 -14.26 -12.60
N THR A 86 -21.28 -15.14 -12.43
CA THR A 86 -21.42 -16.55 -12.75
C THR A 86 -20.82 -17.38 -11.62
N GLU A 87 -20.84 -18.69 -11.79
CA GLU A 87 -20.33 -19.61 -10.78
C GLU A 87 -19.64 -20.79 -11.43
N PRO A 88 -18.30 -20.88 -11.36
CA PRO A 88 -17.36 -19.97 -10.70
C PRO A 88 -17.36 -18.58 -11.33
N LEU A 89 -16.92 -17.55 -10.61
CA LEU A 89 -16.90 -16.21 -11.16
C LEU A 89 -15.82 -16.11 -12.22
N MET A 90 -16.22 -15.67 -13.42
CA MET A 90 -15.30 -15.49 -14.53
C MET A 90 -14.96 -14.04 -14.80
N SER A 91 -15.89 -13.11 -14.56
CA SER A 91 -15.67 -11.69 -14.75
C SER A 91 -16.30 -10.93 -13.60
N PRO A 92 -15.59 -9.99 -12.98
CA PRO A 92 -14.18 -9.62 -13.21
C PRO A 92 -13.23 -10.66 -12.60
N MET A 93 -12.01 -10.78 -13.10
CA MET A 93 -11.02 -11.69 -12.55
C MET A 93 -9.66 -11.00 -12.54
N THR A 94 -8.99 -11.00 -11.39
CA THR A 94 -7.70 -10.33 -11.27
C THR A 94 -6.62 -11.09 -12.05
N LEU A 95 -5.49 -10.40 -12.25
CA LEU A 95 -4.36 -11.04 -12.94
C LEU A 95 -3.84 -12.23 -12.15
N ASP A 96 -3.75 -12.10 -10.82
CA ASP A 96 -3.35 -13.23 -10.00
C ASP A 96 -4.35 -14.38 -10.12
N GLU A 97 -5.64 -14.05 -10.16
CA GLU A 97 -6.65 -15.09 -10.31
C GLU A 97 -6.58 -15.73 -11.69
N MET A 98 -6.32 -14.94 -12.72
CA MET A 98 -6.26 -15.49 -14.07
C MET A 98 -5.07 -16.43 -14.23
N ARG A 99 -3.90 -16.01 -13.73
CA ARG A 99 -2.71 -16.83 -13.91
C ARG A 99 -2.82 -18.15 -13.16
N HIS A 100 -3.40 -18.11 -11.96
CA HIS A 100 -3.63 -19.35 -11.22
C HIS A 100 -4.66 -20.22 -11.91
N PHE A 101 -5.73 -19.60 -12.42
CA PHE A 101 -6.79 -20.36 -13.07
C PHE A 101 -6.25 -21.14 -14.26
N TYR A 102 -5.37 -20.54 -15.04
CA TYR A 102 -4.74 -21.19 -16.18
C TYR A 102 -3.34 -21.70 -15.88
N LYS A 103 -3.08 -22.08 -14.62
CA LYS A 103 -1.72 -22.45 -14.25
C LYS A 103 -1.23 -23.64 -15.08
N ASP A 104 -2.09 -24.66 -15.27
CA ASP A 104 -1.70 -25.86 -15.98
C ASP A 104 -1.66 -25.70 -17.49
N ASN A 105 -2.12 -24.57 -18.01
CA ASN A 105 -2.11 -24.31 -19.45
C ASN A 105 -0.73 -23.81 -19.85
N LYS A 106 -0.11 -24.50 -20.81
CA LYS A 106 1.24 -24.13 -21.22
C LYS A 106 1.28 -22.81 -21.98
N TYR A 107 0.21 -22.48 -22.71
CA TYR A 107 0.19 -21.33 -23.59
C TYR A 107 -0.17 -20.03 -22.87
N VAL A 108 -0.12 -20.02 -21.55
CA VAL A 108 -0.36 -18.82 -20.76
C VAL A 108 0.88 -18.34 -20.04
N LYS A 109 1.92 -19.17 -19.93
CA LYS A 109 3.05 -18.83 -19.07
C LYS A 109 3.79 -17.60 -19.56
N ASN A 110 3.98 -17.46 -20.86
CA ASN A 110 4.71 -16.33 -21.42
C ASN A 110 3.78 -15.20 -21.87
N LEU A 111 2.50 -15.28 -21.57
CA LEU A 111 1.58 -14.21 -21.91
C LEU A 111 1.67 -13.07 -20.90
N ASP A 112 1.22 -11.90 -21.32
CA ASP A 112 1.22 -10.70 -20.49
C ASP A 112 -0.21 -10.41 -20.04
N GLU A 113 -0.36 -9.38 -19.20
CA GLU A 113 -1.63 -9.13 -18.53
C GLU A 113 -2.73 -8.78 -19.53
N LEU A 114 -2.42 -7.96 -20.54
CA LEU A 114 -3.44 -7.58 -21.52
C LEU A 114 -3.77 -8.76 -22.44
N THR A 115 -2.74 -9.45 -22.93
CA THR A 115 -3.00 -10.59 -23.81
C THR A 115 -3.79 -11.67 -23.07
N LEU A 116 -3.44 -11.92 -21.81
CA LEU A 116 -4.15 -12.91 -21.01
C LEU A 116 -5.62 -12.55 -20.85
N CYS A 117 -5.92 -11.26 -20.63
CA CYS A 117 -7.32 -10.84 -20.50
C CYS A 117 -8.10 -11.14 -21.78
N SER A 118 -7.51 -10.83 -22.93
CA SER A 118 -8.18 -11.09 -24.20
C SER A 118 -8.43 -12.58 -24.40
N ARG A 119 -7.42 -13.41 -24.09
CA ARG A 119 -7.58 -14.85 -24.25
C ARG A 119 -8.62 -15.40 -23.27
N HIS A 120 -8.59 -14.93 -22.02
CA HIS A 120 -9.55 -15.38 -21.03
C HIS A 120 -10.97 -15.06 -21.46
N ALA A 121 -11.19 -13.83 -21.94
CA ALA A 121 -12.50 -13.47 -22.48
C ALA A 121 -12.85 -14.33 -23.70
N GLY A 122 -11.86 -14.68 -24.50
CA GLY A 122 -12.11 -15.43 -25.71
C GLY A 122 -12.43 -16.90 -25.49
N ASN A 123 -12.18 -17.42 -24.29
CA ASN A 123 -12.47 -18.81 -23.99
C ASN A 123 -13.85 -18.98 -23.36
N MET A 124 -14.72 -17.97 -23.44
CA MET A 124 -16.07 -18.04 -22.91
C MET A 124 -17.06 -18.43 -24.00
N ILE A 125 -17.89 -19.40 -23.71
CA ILE A 125 -18.83 -19.94 -24.71
C ILE A 125 -19.96 -18.95 -24.92
N PRO A 126 -20.26 -18.56 -26.17
CA PRO A 126 -21.44 -17.73 -26.43
C PRO A 126 -22.72 -18.55 -26.50
N ASP A 127 -23.59 -18.38 -25.51
CA ASP A 127 -24.97 -18.89 -25.54
C ASP A 127 -25.04 -20.37 -25.93
N ASN A 128 -24.17 -21.16 -25.30
CA ASN A 128 -24.18 -22.62 -25.42
C ASN A 128 -23.92 -23.13 -26.84
N ASP A 129 -23.27 -22.33 -27.69
CA ASP A 129 -22.86 -22.76 -29.04
C ASP A 129 -21.34 -22.96 -28.96
N LYS A 130 -20.91 -24.20 -28.71
CA LYS A 130 -19.49 -24.53 -28.72
C LYS A 130 -18.92 -24.56 -30.13
N ASN A 131 -19.76 -24.62 -31.15
CA ASN A 131 -19.33 -24.52 -32.55
C ASN A 131 -19.55 -23.09 -33.06
N SER A 132 -18.81 -22.17 -32.43
CA SER A 132 -18.94 -20.75 -32.75
C SER A 132 -17.61 -20.06 -32.50
N ASN A 133 -17.16 -19.28 -33.49
CA ASN A 133 -15.95 -18.49 -33.36
C ASN A 133 -16.21 -17.10 -32.76
N TYR A 134 -17.39 -16.89 -32.18
CA TYR A 134 -17.71 -15.64 -31.50
C TYR A 134 -17.00 -15.63 -30.14
N LYS A 135 -16.09 -14.68 -29.96
CA LYS A 135 -15.35 -14.51 -28.73
C LYS A 135 -15.59 -13.11 -28.19
N TYR A 136 -16.04 -13.00 -26.95
CA TYR A 136 -16.42 -11.71 -26.40
C TYR A 136 -15.18 -10.81 -26.31
N PRO A 137 -15.36 -9.48 -26.50
CA PRO A 137 -14.25 -8.56 -26.20
C PRO A 137 -14.10 -8.37 -24.70
N ALA A 138 -13.16 -7.53 -24.28
CA ALA A 138 -12.92 -7.34 -22.86
C ALA A 138 -12.23 -6.00 -22.64
N VAL A 139 -12.29 -5.54 -21.40
CA VAL A 139 -11.56 -4.36 -20.95
C VAL A 139 -10.72 -4.79 -19.76
N TYR A 140 -9.47 -4.35 -19.75
CA TYR A 140 -8.56 -4.59 -18.63
C TYR A 140 -8.35 -3.27 -17.90
N ASP A 141 -8.54 -3.28 -16.60
CA ASP A 141 -8.47 -2.08 -15.77
C ASP A 141 -7.21 -2.17 -14.92
N ASP A 142 -6.29 -1.21 -15.11
CA ASP A 142 -5.07 -1.15 -14.32
C ASP A 142 -5.31 -0.53 -12.95
N LYS A 143 -6.53 -0.10 -12.65
CA LYS A 143 -6.86 0.36 -11.31
C LYS A 143 -6.58 -0.73 -10.29
N ASP A 144 -6.99 -1.97 -10.60
CA ASP A 144 -6.78 -3.11 -9.71
C ASP A 144 -6.37 -4.37 -10.48
N LYS A 145 -5.89 -4.23 -11.70
CA LYS A 145 -5.44 -5.38 -12.50
C LYS A 145 -6.56 -6.40 -12.66
N LYS A 146 -7.74 -5.94 -13.07
CA LYS A 146 -8.90 -6.79 -13.23
C LYS A 146 -9.32 -6.84 -14.70
N CYS A 147 -9.66 -8.03 -15.16
CA CYS A 147 -10.10 -8.27 -16.52
C CYS A 147 -11.62 -8.36 -16.52
N HIS A 148 -12.27 -7.48 -17.28
CA HIS A 148 -13.73 -7.44 -17.37
C HIS A 148 -14.14 -7.97 -18.74
N ILE A 149 -14.76 -9.15 -18.76
CA ILE A 149 -15.35 -9.67 -19.98
C ILE A 149 -16.60 -8.88 -20.30
N LEU A 150 -16.77 -8.52 -21.57
CA LEU A 150 -17.88 -7.70 -22.02
C LEU A 150 -18.95 -8.59 -22.65
N TYR A 151 -20.15 -8.58 -22.08
CA TYR A 151 -21.27 -9.29 -22.68
C TYR A 151 -21.81 -8.54 -23.90
N ILE A 152 -21.91 -7.23 -23.80
CA ILE A 152 -22.37 -6.39 -24.90
C ILE A 152 -21.16 -5.90 -25.68
N ALA A 153 -21.00 -6.39 -26.91
CA ALA A 153 -19.86 -6.07 -27.75
C ALA A 153 -20.15 -4.89 -28.69
N ALA A 154 -21.20 -4.14 -28.43
CA ALA A 154 -21.51 -2.95 -29.21
C ALA A 154 -20.84 -1.75 -28.56
N GLN A 155 -20.49 -0.77 -29.40
CA GLN A 155 -19.80 0.42 -28.93
C GLN A 155 -20.61 1.69 -29.07
N GLU A 156 -21.41 1.83 -30.12
CA GLU A 156 -22.13 3.07 -30.38
C GLU A 156 -23.61 2.80 -30.63
N ASN A 157 -24.46 3.58 -29.96
CA ASN A 157 -25.87 3.66 -30.33
C ASN A 157 -26.38 5.02 -29.86
N ASN A 158 -26.39 5.99 -30.77
CA ASN A 158 -26.79 7.36 -30.44
C ASN A 158 -27.65 7.96 -31.54
N GLY A 159 -28.61 7.18 -32.06
CA GLY A 159 -29.50 7.67 -33.09
C GLY A 159 -30.37 8.81 -32.61
N PHE A 174 -31.90 3.22 -24.42
CA PHE A 174 -30.52 2.90 -24.09
C PHE A 174 -29.57 3.41 -25.16
N CYS A 175 -29.00 4.60 -24.93
CA CYS A 175 -28.13 5.27 -25.89
C CYS A 175 -26.73 5.41 -25.30
N PHE A 176 -25.72 5.07 -26.10
CA PHE A 176 -24.33 5.06 -25.64
C PHE A 176 -23.41 5.34 -26.82
N ARG A 177 -22.18 5.76 -26.50
CA ARG A 177 -21.18 6.11 -27.51
C ARG A 177 -19.79 5.88 -26.94
N PRO A 178 -18.82 5.52 -27.76
CA PRO A 178 -17.45 5.34 -27.27
C PRO A 178 -16.67 6.64 -27.27
N ALA A 179 -15.71 6.71 -26.35
CA ALA A 179 -14.89 7.91 -26.24
C ALA A 179 -13.73 7.64 -25.29
N LYS A 180 -12.85 8.63 -25.19
CA LYS A 180 -11.76 8.63 -24.22
C LYS A 180 -12.07 9.68 -23.16
N ASP A 181 -11.99 9.27 -21.90
CA ASP A 181 -12.37 10.12 -20.79
C ASP A 181 -11.33 9.98 -19.69
N ILE A 182 -11.25 10.98 -18.82
CA ILE A 182 -10.35 10.89 -17.68
C ILE A 182 -10.66 9.65 -16.85
N SER A 183 -11.92 9.21 -16.84
CA SER A 183 -12.31 8.04 -16.06
C SER A 183 -12.02 6.73 -16.79
N PHE A 184 -11.96 6.75 -18.12
CA PHE A 184 -11.66 5.57 -18.92
C PHE A 184 -10.17 5.41 -19.17
N GLN A 185 -9.34 5.99 -18.30
CA GLN A 185 -7.93 6.25 -18.58
C GLN A 185 -7.02 5.09 -18.23
N ASN A 186 -7.40 4.26 -17.27
CA ASN A 186 -6.67 3.02 -16.98
C ASN A 186 -7.26 1.83 -17.73
N TYR A 187 -8.26 2.05 -18.57
CA TYR A 187 -8.88 0.97 -19.33
C TYR A 187 -8.09 0.69 -20.60
N ALA A 188 -8.29 -0.52 -21.14
CA ALA A 188 -7.74 -0.90 -22.44
C ALA A 188 -8.73 -1.85 -23.10
N TYR A 189 -9.33 -1.41 -24.20
CA TYR A 189 -10.35 -2.20 -24.89
C TYR A 189 -9.65 -3.24 -25.74
N LEU A 190 -10.01 -4.51 -25.55
CA LEU A 190 -9.29 -5.64 -26.13
C LEU A 190 -10.24 -6.49 -26.96
N SER A 191 -9.97 -6.58 -28.25
CA SER A 191 -10.68 -7.53 -29.10
C SER A 191 -10.24 -8.95 -28.76
N LYS A 192 -10.81 -9.90 -29.49
CA LYS A 192 -10.38 -11.28 -29.40
C LYS A 192 -9.06 -11.54 -30.12
N ASN A 193 -8.58 -10.58 -30.91
CA ASN A 193 -7.44 -10.80 -31.79
C ASN A 193 -6.19 -10.05 -31.36
N VAL A 194 -6.14 -9.55 -30.12
CA VAL A 194 -4.96 -8.85 -29.65
C VAL A 194 -3.78 -9.81 -29.66
N VAL A 195 -2.68 -9.38 -30.27
CA VAL A 195 -1.50 -10.23 -30.42
C VAL A 195 -0.68 -10.22 -29.13
N ASP A 196 -0.07 -11.37 -28.81
CA ASP A 196 0.70 -11.48 -27.57
C ASP A 196 1.94 -10.59 -27.57
N ASN A 197 2.35 -10.10 -28.74
CA ASN A 197 3.49 -9.20 -28.87
C ASN A 197 3.02 -7.79 -29.24
N TRP A 198 1.87 -7.38 -28.70
CA TRP A 198 1.42 -6.00 -28.86
C TRP A 198 2.46 -5.02 -28.33
N GLU A 199 3.28 -5.48 -27.38
CA GLU A 199 4.30 -4.63 -26.77
C GLU A 199 5.27 -4.07 -27.80
N LYS A 200 5.46 -4.75 -28.93
CA LYS A 200 6.42 -4.33 -29.94
C LYS A 200 5.78 -3.86 -31.24
N VAL A 201 4.61 -4.38 -31.61
CA VAL A 201 4.03 -4.15 -32.92
C VAL A 201 2.83 -3.21 -32.89
N CYS A 202 2.50 -2.64 -31.73
CA CYS A 202 1.36 -1.76 -31.62
C CYS A 202 1.76 -0.44 -30.98
N PRO A 203 1.03 0.64 -31.28
CA PRO A 203 1.32 1.92 -30.62
C PRO A 203 0.66 1.96 -29.25
N ARG A 204 1.45 2.32 -28.23
CA ARG A 204 0.91 2.64 -26.92
C ARG A 204 1.22 4.08 -26.51
N LYS A 205 2.49 4.45 -26.45
CA LYS A 205 2.90 5.74 -25.90
C LYS A 205 3.17 6.73 -27.02
N ASN A 206 2.88 7.99 -26.75
CA ASN A 206 3.13 9.06 -27.69
C ASN A 206 4.61 9.45 -27.67
N LEU A 207 5.05 10.07 -28.75
CA LEU A 207 6.46 10.35 -28.98
C LEU A 207 6.73 11.82 -28.69
N GLN A 208 7.68 12.06 -27.79
CA GLN A 208 8.07 13.43 -27.46
C GLN A 208 8.98 14.00 -28.55
N ASN A 209 8.77 15.29 -28.84
CA ASN A 209 9.58 16.03 -29.80
C ASN A 209 9.69 15.30 -31.14
N ALA A 210 8.55 14.82 -31.62
CA ALA A 210 8.48 14.09 -32.88
C ALA A 210 7.18 14.43 -33.59
N LYS A 211 7.24 14.51 -34.92
CA LYS A 211 6.10 14.81 -35.76
C LYS A 211 6.04 13.83 -36.90
N PHE A 212 4.84 13.29 -37.16
CA PHE A 212 4.68 12.35 -38.26
C PHE A 212 4.90 13.06 -39.60
N GLY A 213 5.58 12.37 -40.51
CA GLY A 213 5.83 12.90 -41.83
C GLY A 213 5.82 11.79 -42.86
N LEU A 214 5.89 12.18 -44.13
CA LEU A 214 5.94 11.25 -45.24
C LEU A 214 7.31 11.33 -45.91
N TRP A 215 7.97 10.18 -46.05
CA TRP A 215 9.28 10.11 -46.69
C TRP A 215 9.15 10.37 -48.18
N VAL A 216 9.62 11.54 -48.63
CA VAL A 216 9.55 11.93 -50.04
C VAL A 216 10.93 12.41 -50.47
N ASP A 217 11.51 11.75 -51.47
CA ASP A 217 12.75 12.22 -52.09
C ASP A 217 13.91 12.22 -51.09
N GLY A 218 14.00 11.16 -50.28
CA GLY A 218 15.13 11.00 -49.39
C GLY A 218 15.16 11.93 -48.19
N ASN A 219 14.03 12.53 -47.83
CA ASN A 219 13.96 13.38 -46.64
C ASN A 219 12.53 13.40 -46.15
N CYS A 220 12.37 13.53 -44.83
CA CYS A 220 11.05 13.46 -44.21
C CYS A 220 10.35 14.80 -44.37
N GLU A 221 9.22 14.80 -45.07
CA GLU A 221 8.45 16.01 -45.35
C GLU A 221 7.18 16.01 -44.50
N ASP A 222 6.56 17.19 -44.41
CA ASP A 222 5.34 17.33 -43.63
C ASP A 222 4.18 16.60 -44.32
N ILE A 223 3.17 16.25 -43.53
CA ILE A 223 1.97 15.64 -44.10
C ILE A 223 1.27 16.65 -44.99
N PRO A 224 0.92 16.31 -46.23
CA PRO A 224 0.43 17.35 -47.15
C PRO A 224 -0.95 17.89 -46.82
N HIS A 225 -1.85 17.05 -46.32
CA HIS A 225 -3.24 17.45 -46.08
C HIS A 225 -3.66 16.97 -44.70
N VAL A 226 -3.76 17.92 -43.78
CA VAL A 226 -4.18 17.64 -42.41
C VAL A 226 -5.30 18.60 -42.06
N ASN A 227 -6.02 18.27 -40.98
CA ASN A 227 -7.03 19.14 -40.41
C ASN A 227 -6.54 19.57 -39.03
N GLU A 228 -6.46 20.89 -38.82
CA GLU A 228 -5.95 21.45 -37.57
C GLU A 228 -7.12 21.88 -36.70
N PHE A 229 -7.24 21.26 -35.52
CA PHE A 229 -8.23 21.60 -34.53
C PHE A 229 -7.54 22.09 -33.27
N PRO A 230 -8.00 23.18 -32.66
CA PRO A 230 -7.45 23.57 -31.35
C PRO A 230 -7.67 22.48 -30.32
N ALA A 231 -6.64 22.27 -29.49
CA ALA A 231 -6.69 21.28 -28.42
C ALA A 231 -5.80 21.79 -27.29
N ILE A 232 -6.38 21.96 -26.11
CA ILE A 232 -5.68 22.64 -25.03
C ILE A 232 -4.46 21.85 -24.58
N ASP A 233 -4.56 20.52 -24.58
CA ASP A 233 -3.46 19.67 -24.15
C ASP A 233 -3.48 18.39 -24.98
N LEU A 234 -2.50 17.52 -24.72
CA LEU A 234 -2.36 16.29 -25.49
C LEU A 234 -3.61 15.43 -25.40
N PHE A 235 -4.24 15.39 -24.22
CA PHE A 235 -5.40 14.52 -24.04
C PHE A 235 -6.50 14.86 -25.04
N GLU A 236 -6.79 16.16 -25.21
CA GLU A 236 -7.85 16.56 -26.13
C GLU A 236 -7.53 16.18 -27.57
N CYS A 237 -6.26 16.30 -27.97
CA CYS A 237 -5.87 15.90 -29.31
C CYS A 237 -6.11 14.41 -29.52
N ASN A 238 -5.71 13.59 -28.55
CA ASN A 238 -5.92 12.15 -28.68
C ASN A 238 -7.40 11.80 -28.71
N LYS A 239 -8.21 12.51 -27.92
CA LYS A 239 -9.66 12.31 -27.95
C LYS A 239 -10.23 12.65 -29.32
N LEU A 240 -9.78 13.75 -29.93
CA LEU A 240 -10.26 14.11 -31.27
C LEU A 240 -9.87 13.04 -32.28
N VAL A 241 -8.60 12.64 -32.28
CA VAL A 241 -8.14 11.65 -33.26
C VAL A 241 -8.94 10.37 -33.12
N PHE A 242 -9.23 9.97 -31.89
CA PHE A 242 -10.07 8.79 -31.66
C PHE A 242 -11.45 8.96 -32.27
N GLU A 243 -12.06 10.14 -32.08
CA GLU A 243 -13.43 10.35 -32.56
C GLU A 243 -13.49 10.24 -34.08
N LEU A 244 -12.48 10.75 -34.78
CA LEU A 244 -12.42 10.67 -36.23
C LEU A 244 -11.79 9.38 -36.73
N SER A 245 -11.28 8.54 -35.83
CA SER A 245 -10.58 7.34 -36.24
C SER A 245 -11.52 6.37 -36.94
N ALA A 246 -10.95 5.28 -37.43
CA ALA A 246 -11.71 4.30 -38.20
C ALA A 246 -12.90 3.79 -37.39
N SER A 247 -14.06 3.75 -38.04
CA SER A 247 -15.32 3.36 -37.39
C SER A 247 -16.02 2.34 -38.27
N ASP A 248 -16.27 1.16 -37.72
CA ASP A 248 -17.02 0.12 -38.41
C ASP A 248 -18.51 0.18 -38.14
N GLN A 249 -18.99 1.29 -37.58
CA GLN A 249 -20.40 1.39 -37.25
C GLN A 249 -21.24 1.44 -38.52
N PRO A 250 -22.40 0.77 -38.54
CA PRO A 250 -23.28 0.90 -39.71
C PRO A 250 -23.70 2.34 -39.91
N LYS A 251 -23.89 2.71 -41.18
CA LYS A 251 -24.31 4.05 -41.55
C LYS A 251 -25.80 4.06 -41.95
N ASP A 288 -20.11 -7.86 -45.80
CA ASP A 288 -18.98 -7.27 -45.07
C ASP A 288 -18.91 -5.76 -45.28
N ARG A 289 -20.07 -5.13 -45.39
CA ARG A 289 -20.15 -3.69 -45.58
C ARG A 289 -19.93 -2.98 -44.25
N TYR A 290 -19.53 -1.70 -44.34
CA TYR A 290 -19.28 -0.88 -43.16
C TYR A 290 -18.13 -1.43 -42.33
N LYS A 291 -17.10 -1.94 -43.01
CA LYS A 291 -15.89 -2.44 -42.36
C LYS A 291 -14.72 -1.59 -42.83
N SER A 292 -14.12 -0.85 -41.89
CA SER A 292 -13.06 0.08 -42.25
C SER A 292 -11.76 -0.64 -42.59
N HIS A 293 -11.51 -1.78 -41.96
CA HIS A 293 -10.22 -2.48 -42.09
C HIS A 293 -9.06 -1.61 -41.63
N GLY A 294 -9.33 -0.65 -40.74
CA GLY A 294 -8.29 0.20 -40.18
C GLY A 294 -8.06 1.52 -40.89
N LYS A 295 -8.82 1.82 -41.94
CA LYS A 295 -8.65 3.08 -42.68
C LYS A 295 -9.42 4.20 -42.00
N GLY A 296 -8.75 5.32 -41.76
CA GLY A 296 -9.40 6.46 -41.14
C GLY A 296 -8.39 7.47 -40.63
N TYR A 297 -8.93 8.50 -39.99
CA TYR A 297 -8.12 9.58 -39.42
C TYR A 297 -7.54 9.11 -38.08
N ASN A 298 -6.56 8.21 -38.17
CA ASN A 298 -6.04 7.52 -37.00
C ASN A 298 -4.82 8.20 -36.38
N TRP A 299 -4.27 9.22 -37.03
CA TRP A 299 -3.00 9.81 -36.63
C TRP A 299 -3.16 11.28 -36.29
N GLY A 300 -2.30 11.76 -35.39
CA GLY A 300 -2.34 13.14 -34.99
C GLY A 300 -0.97 13.71 -34.61
N ASN A 301 -0.66 14.89 -35.14
CA ASN A 301 0.50 15.65 -34.71
C ASN A 301 0.01 16.78 -33.80
N TYR A 302 0.40 16.75 -32.54
CA TYR A 302 -0.05 17.76 -31.59
C TYR A 302 1.06 18.79 -31.38
N ASN A 303 0.76 20.04 -31.70
CA ASN A 303 1.68 21.15 -31.45
C ASN A 303 1.45 21.63 -30.02
N THR A 304 2.39 21.31 -29.13
CA THR A 304 2.26 21.71 -27.74
C THR A 304 2.36 23.22 -27.57
N GLU A 305 3.18 23.88 -28.40
CA GLU A 305 3.38 25.32 -28.25
C GLU A 305 2.16 26.10 -28.70
N THR A 306 1.57 25.73 -29.83
CA THR A 306 0.40 26.45 -30.34
C THR A 306 -0.92 25.84 -29.89
N GLN A 307 -0.90 24.69 -29.24
CA GLN A 307 -2.13 23.99 -28.84
C GLN A 307 -3.01 23.73 -30.06
N LYS A 308 -2.42 23.03 -31.03
CA LYS A 308 -3.09 22.66 -32.27
C LYS A 308 -2.94 21.17 -32.51
N CYS A 309 -4.03 20.51 -32.85
CA CYS A 309 -4.05 19.06 -33.11
C CYS A 309 -4.20 18.87 -34.61
N GLU A 310 -3.16 18.33 -35.25
CA GLU A 310 -3.11 18.17 -36.69
C GLU A 310 -3.39 16.71 -37.03
N ILE A 311 -4.59 16.45 -37.55
CA ILE A 311 -5.07 15.10 -37.80
C ILE A 311 -5.02 14.81 -39.29
N PHE A 312 -4.77 13.55 -39.64
CA PHE A 312 -4.71 13.13 -41.03
C PHE A 312 -5.02 11.64 -41.12
N ASN A 313 -5.30 11.19 -42.36
CA ASN A 313 -5.76 9.83 -42.61
C ASN A 313 -4.85 9.10 -43.59
N VAL A 314 -3.56 9.39 -43.56
CA VAL A 314 -2.57 8.70 -44.38
C VAL A 314 -1.48 8.19 -43.46
N LYS A 315 -1.01 6.96 -43.70
CA LYS A 315 -0.06 6.34 -42.79
C LYS A 315 1.27 7.08 -42.85
N PRO A 316 1.83 7.47 -41.70
CA PRO A 316 3.15 8.12 -41.72
C PRO A 316 4.28 7.13 -41.96
N THR A 317 5.31 7.61 -42.65
CA THR A 317 6.43 6.78 -43.05
C THR A 317 7.77 7.29 -42.54
N CYS A 318 7.77 8.27 -41.65
CA CYS A 318 9.00 8.80 -41.06
C CYS A 318 8.60 9.77 -39.95
N LEU A 319 9.61 10.29 -39.25
CA LEU A 319 9.41 11.20 -38.14
C LEU A 319 10.27 12.44 -38.33
N ILE A 320 9.69 13.60 -38.01
CA ILE A 320 10.38 14.88 -38.06
C ILE A 320 10.73 15.26 -36.64
N ASN A 321 11.99 15.64 -36.41
CA ASN A 321 12.48 15.97 -35.07
C ASN A 321 12.15 17.44 -34.78
N ASN A 322 10.91 17.68 -34.40
CA ASN A 322 10.44 19.00 -33.99
C ASN A 322 10.18 18.98 -32.49
N ALA A 323 10.76 19.94 -31.77
CA ALA A 323 10.69 19.97 -30.31
C ALA A 323 9.37 20.49 -29.78
N ALA A 324 8.48 20.96 -30.64
CA ALA A 324 7.20 21.50 -30.22
C ALA A 324 6.04 20.54 -30.50
N TYR A 325 6.32 19.29 -30.87
CA TYR A 325 5.28 18.37 -31.33
C TYR A 325 5.32 17.07 -30.52
N ILE A 326 4.15 16.45 -30.41
CA ILE A 326 3.99 15.12 -29.84
C ILE A 326 3.15 14.30 -30.82
N ALA A 327 3.67 13.14 -31.22
CA ALA A 327 2.99 12.29 -32.20
C ALA A 327 2.09 11.31 -31.47
N THR A 328 0.81 11.29 -31.87
CA THR A 328 -0.19 10.45 -31.23
C THR A 328 -0.98 9.68 -32.28
N THR A 329 -1.57 8.57 -31.85
CA THR A 329 -2.46 7.77 -32.69
C THR A 329 -3.73 7.47 -31.91
N ALA A 330 -4.79 7.14 -32.65
CA ALA A 330 -6.05 6.82 -32.01
C ALA A 330 -5.91 5.64 -31.04
N LEU A 331 -5.00 4.72 -31.33
CA LEU A 331 -4.76 3.59 -30.45
C LEU A 331 -3.97 3.99 -29.20
N SER A 332 -3.17 5.06 -29.30
CA SER A 332 -2.23 5.39 -28.23
C SER A 332 -2.98 5.84 -26.98
N HIS A 333 -2.29 5.72 -25.84
CA HIS A 333 -2.83 6.24 -24.60
C HIS A 333 -2.92 7.76 -24.69
N PRO A 334 -4.00 8.37 -24.19
CA PRO A 334 -4.16 9.82 -24.35
C PRO A 334 -3.16 10.67 -23.56
N ILE A 335 -2.39 10.08 -22.64
CA ILE A 335 -1.52 10.84 -21.75
C ILE A 335 -0.08 10.37 -21.82
N GLU A 336 0.15 9.06 -21.85
CA GLU A 336 1.50 8.53 -21.73
C GLU A 336 2.40 9.03 -22.84
N VAL A 337 3.60 9.47 -22.48
CA VAL A 337 4.61 9.95 -23.40
C VAL A 337 5.95 9.33 -23.03
N GLU A 338 6.64 8.77 -24.02
CA GLU A 338 7.94 8.14 -23.78
C GLU A 338 8.97 9.18 -23.30
N GLN B 4 -0.40 -18.53 -1.30
CA GLN B 4 -0.79 -17.13 -0.95
C GLN B 4 0.37 -16.17 -1.20
N VAL B 5 0.06 -14.87 -1.26
CA VAL B 5 1.06 -13.85 -1.59
C VAL B 5 1.83 -13.48 -0.33
N GLN B 6 3.16 -13.55 -0.42
CA GLN B 6 4.04 -13.22 0.69
C GLN B 6 5.15 -12.29 0.22
N LEU B 7 5.49 -11.33 1.07
CA LEU B 7 6.64 -10.44 0.88
C LEU B 7 7.54 -10.60 2.09
N VAL B 8 8.73 -11.13 1.87
CA VAL B 8 9.67 -11.46 2.95
C VAL B 8 10.90 -10.59 2.79
N GLN B 9 11.27 -9.88 3.85
CA GLN B 9 12.38 -8.95 3.81
C GLN B 9 13.56 -9.47 4.62
N SER B 10 14.71 -8.87 4.39
CA SER B 10 15.93 -9.23 5.11
C SER B 10 16.96 -8.13 4.89
N GLY B 11 17.95 -8.09 5.78
CA GLY B 11 19.05 -7.16 5.67
C GLY B 11 19.05 -6.07 6.71
N GLY B 12 17.97 -5.91 7.47
CA GLY B 12 17.94 -4.86 8.47
C GLY B 12 19.05 -5.04 9.48
N GLY B 13 19.49 -3.93 10.05
CA GLY B 13 20.54 -3.99 11.06
C GLY B 13 20.98 -2.60 11.48
N LEU B 14 22.11 -2.57 12.19
CA LEU B 14 22.70 -1.34 12.67
C LEU B 14 23.85 -0.94 11.76
N VAL B 15 23.83 0.31 11.29
CA VAL B 15 24.87 0.84 10.42
C VAL B 15 25.35 2.14 11.03
N LYS B 16 26.66 2.36 11.00
CA LYS B 16 27.18 3.63 11.45
C LYS B 16 26.96 4.70 10.40
N PRO B 17 26.83 5.97 10.79
CA PRO B 17 26.55 7.03 9.82
C PRO B 17 27.63 7.09 8.75
N GLY B 18 27.22 7.37 7.51
CA GLY B 18 28.11 7.34 6.38
C GLY B 18 28.33 5.98 5.78
N GLY B 19 27.81 4.92 6.40
CA GLY B 19 27.97 3.58 5.89
C GLY B 19 26.86 3.21 4.92
N SER B 20 26.93 1.98 4.44
CA SER B 20 26.02 1.47 3.43
C SER B 20 25.38 0.18 3.91
N LEU B 21 24.18 -0.10 3.39
CA LEU B 21 23.46 -1.32 3.69
C LEU B 21 22.57 -1.67 2.51
N ILE B 22 22.33 -2.98 2.34
CA ILE B 22 21.46 -3.49 1.29
C ILE B 22 20.29 -4.21 1.96
N ILE B 23 19.08 -3.81 1.63
CA ILE B 23 17.86 -4.47 2.11
C ILE B 23 17.27 -5.28 0.97
N SER B 24 16.63 -6.38 1.32
CA SER B 24 16.06 -7.30 0.36
C SER B 24 14.54 -7.40 0.53
N CYS B 25 13.87 -7.81 -0.55
CA CYS B 25 12.44 -8.07 -0.53
C CYS B 25 12.18 -9.19 -1.53
N GLU B 26 11.85 -10.38 -1.02
CA GLU B 26 11.61 -11.55 -1.87
C GLU B 26 10.12 -11.86 -1.86
N GLY B 27 9.53 -11.97 -3.06
CA GLY B 27 8.12 -12.22 -3.23
C GLY B 27 7.85 -13.63 -3.71
N SER B 28 6.73 -14.19 -3.27
CA SER B 28 6.30 -15.52 -3.69
C SER B 28 4.78 -15.56 -3.73
N GLY B 29 4.25 -16.58 -4.39
CA GLY B 29 2.81 -16.71 -4.55
C GLY B 29 2.23 -15.95 -5.72
N TYR B 30 3.07 -15.35 -6.55
CA TYR B 30 2.63 -14.61 -7.73
C TYR B 30 3.83 -14.45 -8.66
N ARG B 31 3.56 -13.96 -9.86
CA ARG B 31 4.64 -13.63 -10.81
C ARG B 31 5.25 -12.30 -10.38
N PHE B 32 6.50 -12.34 -9.94
CA PHE B 32 7.13 -11.13 -9.41
C PHE B 32 7.24 -10.04 -10.46
N SER B 33 7.37 -10.42 -11.73
CA SER B 33 7.60 -9.45 -12.81
C SER B 33 6.35 -8.66 -13.18
N ASP B 34 5.18 -9.00 -12.64
CA ASP B 34 3.94 -8.35 -13.03
C ASP B 34 3.70 -7.02 -12.34
N TYR B 35 4.45 -6.68 -11.29
CA TYR B 35 4.03 -5.62 -10.38
C TYR B 35 5.08 -4.53 -10.22
N HIS B 36 4.62 -3.28 -10.36
CA HIS B 36 5.29 -2.13 -9.77
C HIS B 36 5.52 -2.38 -8.29
N MET B 37 6.55 -1.75 -7.72
CA MET B 37 6.87 -1.96 -6.32
C MET B 37 7.33 -0.65 -5.69
N SER B 38 7.23 -0.59 -4.36
CA SER B 38 7.54 0.58 -3.57
C SER B 38 8.42 0.21 -2.39
N TRP B 39 9.21 1.18 -1.93
CA TRP B 39 9.88 1.13 -0.64
C TRP B 39 9.33 2.26 0.21
N ILE B 40 8.85 1.92 1.41
CA ILE B 40 8.21 2.87 2.31
C ILE B 40 8.79 2.65 3.69
N ARG B 41 9.15 3.72 4.37
CA ARG B 41 9.71 3.65 5.71
C ARG B 41 8.76 4.31 6.69
N GLN B 42 8.74 3.78 7.91
CA GLN B 42 7.88 4.27 8.99
C GLN B 42 8.77 4.70 10.15
N VAL B 43 8.99 6.00 10.29
CA VAL B 43 9.80 6.47 11.42
C VAL B 43 9.13 6.05 12.72
N PRO B 44 9.83 5.39 13.64
CA PRO B 44 9.13 4.73 14.75
C PRO B 44 8.34 5.72 15.59
N GLY B 45 7.05 5.42 15.78
CA GLY B 45 6.13 6.30 16.47
C GLY B 45 5.44 7.31 15.57
N LYS B 46 6.11 7.76 14.50
CA LYS B 46 5.55 8.70 13.55
C LYS B 46 4.81 7.95 12.45
N GLY B 47 4.48 8.66 11.37
CA GLY B 47 3.74 8.08 10.26
C GLY B 47 4.65 7.56 9.17
N MET B 48 4.01 7.15 8.07
CA MET B 48 4.70 6.57 6.92
C MET B 48 5.35 7.64 6.06
N GLU B 49 6.33 7.22 5.28
CA GLU B 49 7.06 8.12 4.39
C GLU B 49 7.58 7.32 3.21
N TRP B 50 7.17 7.70 2.00
CA TRP B 50 7.58 7.01 0.79
C TRP B 50 9.05 7.25 0.49
N VAL B 51 9.73 6.20 0.04
CA VAL B 51 11.17 6.23 -0.21
C VAL B 51 11.47 6.17 -1.70
N ALA B 52 10.98 5.14 -2.39
CA ALA B 52 11.31 4.96 -3.80
C ALA B 52 10.33 4.00 -4.45
N ASP B 53 10.22 4.13 -5.78
CA ASP B 53 9.42 3.24 -6.59
C ASP B 53 10.28 2.65 -7.71
N ILE B 54 9.91 1.47 -8.18
CA ILE B 54 10.58 0.83 -9.31
C ILE B 54 9.53 0.15 -10.18
N THR B 55 9.71 0.26 -11.49
CA THR B 55 8.73 -0.28 -12.42
C THR B 55 8.91 -1.79 -12.57
N THR B 56 7.98 -2.40 -13.30
CA THR B 56 7.97 -3.85 -13.45
C THR B 56 9.28 -4.34 -14.07
N LYS B 57 9.69 -3.74 -15.18
CA LYS B 57 10.92 -4.13 -15.84
C LYS B 57 12.17 -3.61 -15.15
N GLY B 58 12.02 -2.69 -14.19
CA GLY B 58 13.16 -2.06 -13.56
C GLY B 58 13.77 -0.94 -14.35
N ASP B 59 13.21 -0.61 -15.52
CA ASP B 59 13.78 0.44 -16.37
C ASP B 59 13.84 1.76 -15.62
N GLN B 60 12.75 2.15 -14.98
CA GLN B 60 12.56 3.48 -14.42
C GLN B 60 12.43 3.41 -12.92
N THR B 61 12.99 4.41 -12.24
CA THR B 61 12.97 4.51 -10.79
C THR B 61 12.56 5.92 -10.39
N ALA B 62 11.95 6.03 -9.22
CA ALA B 62 11.56 7.31 -8.63
C ALA B 62 11.97 7.32 -7.17
N TYR B 63 12.43 8.49 -6.70
CA TYR B 63 12.96 8.61 -5.35
C TYR B 63 12.41 9.86 -4.67
N ALA B 64 12.24 9.76 -3.36
CA ALA B 64 11.89 10.93 -2.56
C ALA B 64 13.08 11.89 -2.49
N ASP B 65 12.77 13.18 -2.32
CA ASP B 65 13.82 14.19 -2.32
C ASP B 65 14.89 13.89 -1.27
N SER B 66 14.47 13.39 -0.10
CA SER B 66 15.40 13.22 1.01
C SER B 66 16.40 12.08 0.80
N VAL B 67 16.18 11.21 -0.17
CA VAL B 67 17.09 10.08 -0.40
C VAL B 67 17.67 10.06 -1.80
N ARG B 68 17.18 10.89 -2.72
CA ARG B 68 17.69 10.85 -4.09
C ARG B 68 19.18 11.13 -4.11
N GLY B 69 19.91 10.32 -4.86
CA GLY B 69 21.35 10.41 -4.95
C GLY B 69 22.11 9.52 -3.99
N ARG B 70 21.46 9.05 -2.92
CA ARG B 70 22.06 8.14 -1.95
C ARG B 70 21.48 6.73 -2.01
N PHE B 71 20.18 6.60 -2.17
CA PHE B 71 19.54 5.31 -2.28
C PHE B 71 19.39 4.92 -3.74
N THR B 72 19.46 3.61 -3.99
CA THR B 72 19.31 3.07 -5.33
C THR B 72 18.48 1.81 -5.26
N VAL B 73 17.30 1.84 -5.85
CA VAL B 73 16.42 0.68 -5.89
C VAL B 73 16.67 -0.09 -7.18
N SER B 74 16.66 -1.42 -7.08
CA SER B 74 16.87 -2.30 -8.21
C SER B 74 16.10 -3.60 -7.96
N ARG B 75 15.87 -4.35 -9.04
CA ARG B 75 15.13 -5.60 -8.94
C ARG B 75 15.73 -6.63 -9.88
N ASP B 76 15.60 -7.90 -9.49
CA ASP B 76 16.05 -9.05 -10.28
C ASP B 76 14.84 -9.98 -10.36
N ASN B 77 14.01 -9.80 -11.38
CA ASN B 77 12.76 -10.56 -11.46
C ASN B 77 13.00 -12.06 -11.58
N ALA B 78 14.16 -12.47 -12.08
CA ALA B 78 14.45 -13.90 -12.17
C ALA B 78 14.54 -14.53 -10.80
N LYS B 79 15.03 -13.79 -9.81
CA LYS B 79 15.14 -14.27 -8.44
C LYS B 79 13.95 -13.88 -7.58
N ASN B 80 12.92 -13.27 -8.16
CA ASN B 80 11.76 -12.81 -7.41
C ASN B 80 12.18 -11.91 -6.25
N SER B 81 13.12 -10.99 -6.54
CA SER B 81 13.73 -10.17 -5.51
C SER B 81 13.81 -8.71 -5.92
N MET B 82 13.64 -7.82 -4.94
CA MET B 82 13.86 -6.39 -5.09
C MET B 82 14.85 -5.96 -4.01
N PHE B 83 15.63 -4.92 -4.31
CA PHE B 83 16.69 -4.48 -3.41
C PHE B 83 16.64 -2.97 -3.24
N LEU B 84 17.15 -2.51 -2.10
CA LEU B 84 17.33 -1.08 -1.84
C LEU B 84 18.75 -0.88 -1.36
N GLN B 85 19.58 -0.25 -2.19
CA GLN B 85 20.97 0.03 -1.84
C GLN B 85 21.02 1.40 -1.19
N MET B 86 21.30 1.43 0.11
CA MET B 86 21.39 2.67 0.87
C MET B 86 22.86 3.01 1.11
N ASN B 87 23.28 4.19 0.64
CA ASN B 87 24.65 4.66 0.80
C ASN B 87 24.65 5.97 1.57
N GLY B 88 25.77 6.26 2.23
CA GLY B 88 25.91 7.52 2.94
C GLY B 88 24.78 7.73 3.93
N LEU B 89 24.48 6.70 4.71
CA LEU B 89 23.34 6.75 5.62
C LEU B 89 23.51 7.86 6.66
N LYS B 90 22.38 8.46 7.02
CA LYS B 90 22.32 9.48 8.06
C LYS B 90 21.45 8.97 9.20
N VAL B 91 21.65 9.53 10.39
CA VAL B 91 20.83 9.15 11.53
C VAL B 91 19.35 9.40 11.24
N GLU B 92 19.06 10.37 10.37
CA GLU B 92 17.70 10.71 10.00
C GLU B 92 17.03 9.62 9.16
N ASP B 93 17.78 8.62 8.70
CA ASP B 93 17.23 7.51 7.95
C ASP B 93 16.76 6.37 8.85
N THR B 94 17.01 6.44 10.16
CA THR B 94 16.60 5.38 11.07
C THR B 94 15.08 5.24 11.06
N ALA B 95 14.62 4.08 10.62
CA ALA B 95 13.18 3.80 10.53
C ALA B 95 13.02 2.34 10.14
N VAL B 96 11.76 1.91 10.07
CA VAL B 96 11.40 0.56 9.64
C VAL B 96 11.01 0.64 8.18
N TYR B 97 11.71 -0.13 7.34
CA TYR B 97 11.54 -0.06 5.89
C TYR B 97 10.67 -1.22 5.42
N PHE B 98 9.55 -0.88 4.80
CA PHE B 98 8.65 -1.85 4.20
C PHE B 98 8.81 -1.87 2.69
N CYS B 99 8.54 -3.03 2.09
CA CYS B 99 8.40 -3.14 0.66
C CYS B 99 6.94 -3.45 0.33
N GLY B 100 6.44 -2.88 -0.75
CA GLY B 100 5.04 -3.03 -1.10
C GLY B 100 4.85 -3.44 -2.55
N ARG B 101 3.93 -4.38 -2.76
CA ARG B 101 3.54 -4.82 -4.10
C ARG B 101 2.46 -3.86 -4.59
N ASP B 102 2.73 -3.14 -5.67
CA ASP B 102 1.90 -2.03 -6.09
C ASP B 102 0.94 -2.49 -7.18
N ARG B 103 -0.19 -3.05 -6.75
CA ARG B 103 -1.21 -3.51 -7.70
C ARG B 103 -2.06 -2.36 -8.23
N PHE B 104 -2.27 -1.32 -7.43
CA PHE B 104 -3.22 -0.26 -7.76
C PHE B 104 -2.49 0.89 -8.46
N ARG B 105 -2.82 1.10 -9.73
CA ARG B 105 -2.22 2.18 -10.51
C ARG B 105 -3.06 3.44 -10.36
N GLY B 106 -2.38 4.58 -10.22
CA GLY B 106 -3.05 5.84 -10.02
C GLY B 106 -2.68 6.90 -11.03
N GLY B 107 -2.15 8.03 -10.54
CA GLY B 107 -1.85 9.15 -11.40
C GLY B 107 -0.55 9.00 -12.16
N TYR B 108 -0.43 9.80 -13.23
CA TYR B 108 0.70 9.74 -14.14
C TYR B 108 1.63 10.92 -13.89
N ASN B 109 2.92 10.71 -14.14
CA ASN B 109 3.94 11.72 -13.91
C ASN B 109 4.68 11.98 -15.22
N TYR B 110 4.40 13.13 -15.84
CA TYR B 110 5.10 13.66 -17.01
C TYR B 110 6.10 14.73 -16.57
N PRO B 111 7.33 14.75 -17.09
CA PRO B 111 7.90 13.91 -18.18
C PRO B 111 8.54 12.63 -17.67
N SER B 112 8.27 12.25 -16.43
CA SER B 112 8.99 11.14 -15.81
C SER B 112 8.63 9.79 -16.40
N ASP B 113 7.40 9.64 -16.90
CA ASP B 113 6.90 8.41 -17.52
C ASP B 113 6.65 7.30 -16.52
N ILE B 114 6.48 7.63 -15.24
CA ILE B 114 6.21 6.66 -14.20
C ILE B 114 4.85 6.98 -13.60
N TYR B 115 4.04 5.94 -13.39
CA TYR B 115 2.78 6.06 -12.66
C TYR B 115 3.01 5.90 -11.17
N SER B 116 2.23 6.63 -10.38
CA SER B 116 2.24 6.47 -8.93
C SER B 116 1.26 5.37 -8.55
N HIS B 117 1.64 4.57 -7.55
CA HIS B 117 0.87 3.39 -7.18
C HIS B 117 0.63 3.33 -5.69
N ALA B 118 -0.34 2.49 -5.31
CA ALA B 118 -0.63 2.16 -3.92
C ALA B 118 -0.43 0.66 -3.72
N PRO B 119 0.27 0.23 -2.68
CA PRO B 119 0.47 -1.21 -2.48
C PRO B 119 -0.79 -1.90 -1.98
N ASP B 120 -0.87 -3.20 -2.29
CA ASP B 120 -1.90 -4.08 -1.74
C ASP B 120 -1.35 -5.09 -0.74
N HIS B 121 -0.06 -5.42 -0.83
CA HIS B 121 0.60 -6.27 0.16
C HIS B 121 1.85 -5.56 0.65
N TRP B 122 2.15 -5.73 1.93
CA TRP B 122 3.34 -5.17 2.55
C TRP B 122 4.23 -6.28 3.09
N GLY B 123 5.53 -6.01 3.10
CA GLY B 123 6.46 -6.89 3.80
C GLY B 123 6.35 -6.73 5.30
N GLN B 124 7.00 -7.65 6.03
CA GLN B 124 6.93 -7.60 7.48
C GLN B 124 7.64 -6.38 8.06
N GLY B 125 8.52 -5.76 7.28
CA GLY B 125 9.33 -4.64 7.76
C GLY B 125 10.66 -5.09 8.31
N GLN B 126 11.67 -4.24 8.12
CA GLN B 126 12.99 -4.44 8.70
C GLN B 126 13.41 -3.14 9.38
N LEU B 127 13.89 -3.25 10.61
CA LEU B 127 14.37 -2.07 11.34
C LEU B 127 15.79 -1.77 10.92
N VAL B 128 16.01 -0.57 10.41
CA VAL B 128 17.34 -0.07 10.07
C VAL B 128 17.66 1.05 11.03
N THR B 129 18.70 0.86 11.84
CA THR B 129 19.12 1.84 12.84
C THR B 129 20.46 2.41 12.41
N VAL B 130 20.52 3.72 12.27
CA VAL B 130 21.76 4.42 11.94
C VAL B 130 22.19 5.20 13.17
N SER B 131 23.32 4.81 13.74
CA SER B 131 23.83 5.43 14.96
C SER B 131 25.28 5.01 15.14
N SER B 132 26.11 5.94 15.59
CA SER B 132 27.50 5.64 15.85
C SER B 132 27.71 4.89 17.16
N ALA B 133 26.64 4.58 17.89
CA ALA B 133 26.73 3.80 19.10
C ALA B 133 26.96 2.32 18.79
N SER B 134 27.45 1.60 19.79
CA SER B 134 27.86 0.22 19.65
C SER B 134 26.81 -0.72 20.23
N THR B 135 26.63 -1.87 19.59
CA THR B 135 25.72 -2.88 20.10
C THR B 135 26.18 -3.29 21.49
N LYS B 136 25.23 -3.37 22.43
CA LYS B 136 25.53 -3.68 23.81
C LYS B 136 24.44 -4.59 24.36
N GLY B 137 24.84 -5.77 24.86
CA GLY B 137 23.91 -6.72 25.43
C GLY B 137 23.28 -6.19 26.70
N PRO B 138 22.04 -6.59 26.98
CA PRO B 138 21.35 -6.07 28.15
C PRO B 138 21.85 -6.68 29.46
N SER B 139 21.58 -5.95 30.54
CA SER B 139 21.61 -6.49 31.89
C SER B 139 20.18 -6.80 32.30
N VAL B 140 19.97 -7.95 32.93
CA VAL B 140 18.63 -8.41 33.31
C VAL B 140 18.59 -8.49 34.83
N PHE B 141 17.76 -7.65 35.44
CA PHE B 141 17.61 -7.62 36.89
C PHE B 141 16.20 -8.00 37.29
N PRO B 142 16.04 -8.75 38.37
CA PRO B 142 14.70 -9.23 38.73
C PRO B 142 13.90 -8.20 39.53
N LEU B 143 12.59 -8.21 39.28
CA LEU B 143 11.62 -7.43 40.04
C LEU B 143 10.90 -8.44 40.95
N ALA B 144 11.39 -8.56 42.17
CA ALA B 144 11.00 -9.70 43.01
C ALA B 144 9.56 -9.56 43.49
N PRO B 145 8.81 -10.66 43.59
CA PRO B 145 7.46 -10.62 44.16
C PRO B 145 7.50 -10.48 45.68
N SER B 146 7.07 -9.32 46.17
CA SER B 146 7.10 -8.99 47.58
C SER B 146 5.68 -8.97 48.14
N SER B 147 5.56 -8.59 49.42
CA SER B 147 4.25 -8.31 49.99
C SER B 147 3.65 -7.05 49.37
N LYS B 148 4.49 -6.14 48.87
CA LYS B 148 4.01 -4.95 48.17
C LYS B 148 3.61 -5.23 46.73
N SER B 149 3.86 -6.45 46.23
CA SER B 149 3.42 -6.89 44.91
C SER B 149 2.29 -7.90 44.97
N THR B 150 2.17 -8.66 46.06
CA THR B 150 1.02 -9.52 46.28
C THR B 150 -0.20 -8.68 46.61
N SER B 151 -1.33 -9.01 46.00
CA SER B 151 -2.58 -8.31 46.30
C SER B 151 -3.75 -9.19 45.85
N GLY B 152 -4.55 -9.64 46.81
CA GLY B 152 -5.80 -10.31 46.50
C GLY B 152 -5.65 -11.71 45.94
N GLY B 153 -4.61 -12.44 46.32
CA GLY B 153 -4.41 -13.79 45.83
C GLY B 153 -3.61 -13.92 44.57
N THR B 154 -3.12 -12.82 44.00
CA THR B 154 -2.18 -12.86 42.89
C THR B 154 -0.98 -12.00 43.23
N ALA B 155 0.15 -12.32 42.62
CA ALA B 155 1.40 -11.58 42.82
C ALA B 155 1.94 -11.13 41.47
N ALA B 156 2.43 -9.90 41.43
CA ALA B 156 3.04 -9.36 40.23
C ALA B 156 4.55 -9.44 40.36
N LEU B 157 5.18 -10.18 39.46
CA LEU B 157 6.63 -10.25 39.37
C LEU B 157 7.05 -9.87 37.96
N GLY B 158 8.35 -9.61 37.80
CA GLY B 158 8.86 -9.25 36.49
C GLY B 158 10.36 -9.23 36.52
N CYS B 159 10.94 -8.85 35.39
CA CYS B 159 12.37 -8.62 35.32
C CYS B 159 12.64 -7.43 34.41
N LEU B 160 13.75 -6.75 34.70
CA LEU B 160 14.10 -5.46 34.10
C LEU B 160 15.28 -5.67 33.16
N VAL B 161 15.09 -5.33 31.89
CA VAL B 161 16.14 -5.41 30.88
C VAL B 161 16.69 -4.00 30.67
N LYS B 162 17.94 -3.78 31.04
CA LYS B 162 18.50 -2.43 31.11
C LYS B 162 19.78 -2.31 30.30
N ASP B 163 20.00 -1.12 29.74
CA ASP B 163 21.25 -0.73 29.10
C ASP B 163 21.59 -1.64 27.92
N TYR B 164 20.73 -1.62 26.90
CA TYR B 164 20.98 -2.36 25.67
C TYR B 164 20.78 -1.46 24.45
N PHE B 165 21.59 -1.71 23.42
CA PHE B 165 21.47 -1.05 22.13
C PHE B 165 21.95 -2.03 21.06
N PRO B 166 21.34 -2.03 19.87
CA PRO B 166 20.10 -1.36 19.45
C PRO B 166 18.89 -2.22 19.76
N GLU B 167 17.67 -1.67 19.68
CA GLU B 167 16.48 -2.51 19.77
C GLU B 167 16.57 -3.59 18.71
N PRO B 168 15.77 -4.68 18.80
CA PRO B 168 14.74 -5.01 19.80
C PRO B 168 15.20 -5.95 20.92
N VAL B 169 14.37 -6.13 21.96
CA VAL B 169 14.50 -7.24 22.90
C VAL B 169 13.17 -7.98 22.95
N THR B 170 13.23 -9.27 23.28
CA THR B 170 12.08 -10.15 23.26
C THR B 170 12.06 -10.95 24.56
N VAL B 171 11.14 -10.61 25.46
CA VAL B 171 11.04 -11.22 26.77
C VAL B 171 9.86 -12.19 26.77
N SER B 172 10.11 -13.44 27.16
CA SER B 172 9.08 -14.44 27.40
C SER B 172 9.16 -14.88 28.86
N TRP B 173 8.24 -15.77 29.26
CA TRP B 173 8.18 -16.22 30.64
C TRP B 173 7.98 -17.72 30.71
N ASN B 174 8.80 -18.37 31.53
CA ASN B 174 8.81 -19.82 31.64
C ASN B 174 8.75 -20.48 30.26
N SER B 175 9.57 -19.95 29.35
CA SER B 175 9.74 -20.53 28.01
C SER B 175 8.38 -20.73 27.33
N GLY B 176 7.50 -19.75 27.47
CA GLY B 176 6.23 -19.74 26.78
C GLY B 176 5.05 -20.29 27.54
N ALA B 177 5.25 -20.75 28.78
CA ALA B 177 4.14 -21.30 29.55
C ALA B 177 3.16 -20.20 29.95
N LEU B 178 3.67 -19.03 30.34
CA LEU B 178 2.83 -17.90 30.72
C LEU B 178 2.70 -16.97 29.52
N THR B 179 1.48 -16.88 28.98
CA THR B 179 1.19 -16.04 27.82
C THR B 179 0.10 -15.01 28.05
N SER B 180 -0.72 -15.17 29.09
CA SER B 180 -1.83 -14.26 29.37
C SER B 180 -1.50 -13.44 30.61
N GLY B 181 -1.73 -12.14 30.53
CA GLY B 181 -1.36 -11.23 31.59
C GLY B 181 0.06 -10.70 31.51
N VAL B 182 0.79 -11.00 30.44
CA VAL B 182 2.15 -10.52 30.29
C VAL B 182 2.11 -9.10 29.75
N HIS B 183 2.82 -8.20 30.40
CA HIS B 183 2.92 -6.80 29.99
C HIS B 183 4.40 -6.50 29.80
N THR B 184 4.89 -6.69 28.57
CA THR B 184 6.22 -6.26 28.20
C THR B 184 6.09 -4.83 27.70
N PHE B 185 6.64 -3.88 28.45
CA PHE B 185 6.42 -2.47 28.16
C PHE B 185 7.28 -2.01 26.98
N PRO B 186 6.91 -0.89 26.35
CA PRO B 186 7.77 -0.30 25.33
C PRO B 186 9.14 0.06 25.89
N ALA B 187 10.12 0.13 24.99
CA ALA B 187 11.46 0.50 25.39
C ALA B 187 11.58 2.01 25.51
N VAL B 188 12.49 2.44 26.39
CA VAL B 188 12.74 3.85 26.67
C VAL B 188 14.22 4.11 26.42
N LEU B 189 14.52 5.10 25.59
CA LEU B 189 15.90 5.54 25.40
C LEU B 189 16.32 6.43 26.56
N GLN B 190 17.43 6.07 27.20
CA GLN B 190 17.87 6.77 28.39
C GLN B 190 18.85 7.88 28.04
N SER B 191 19.33 8.60 29.08
CA SER B 191 20.30 9.65 28.86
C SER B 191 21.61 9.12 28.30
N SER B 192 21.92 7.84 28.58
CA SER B 192 23.16 7.22 28.12
C SER B 192 23.13 6.81 26.66
N GLY B 193 21.97 6.92 25.99
CA GLY B 193 21.83 6.42 24.64
C GLY B 193 21.49 4.95 24.55
N LEU B 194 21.27 4.28 25.68
CA LEU B 194 20.89 2.87 25.72
C LEU B 194 19.41 2.76 26.08
N TYR B 195 18.83 1.62 25.72
CA TYR B 195 17.42 1.35 25.96
C TYR B 195 17.24 0.56 27.26
N SER B 196 16.04 0.66 27.81
CA SER B 196 15.65 -0.11 28.98
C SER B 196 14.19 -0.53 28.83
N LEU B 197 13.84 -1.64 29.46
CA LEU B 197 12.52 -2.24 29.28
C LEU B 197 12.20 -3.07 30.52
N SER B 198 10.90 -3.23 30.79
CA SER B 198 10.42 -4.06 31.88
C SER B 198 9.33 -4.98 31.36
N SER B 199 9.26 -6.18 31.95
CA SER B 199 8.21 -7.14 31.65
C SER B 199 7.68 -7.66 32.97
N VAL B 200 6.36 -7.75 33.10
CA VAL B 200 5.71 -8.19 34.34
C VAL B 200 4.63 -9.20 34.01
N VAL B 201 4.49 -10.20 34.90
CA VAL B 201 3.41 -11.17 34.82
C VAL B 201 2.75 -11.24 36.19
N THR B 202 1.50 -11.70 36.20
CA THR B 202 0.76 -11.91 37.44
C THR B 202 0.64 -13.40 37.67
N VAL B 203 1.06 -13.84 38.84
CA VAL B 203 1.13 -15.26 39.18
C VAL B 203 0.28 -15.49 40.42
N PRO B 204 -0.14 -16.74 40.66
CA PRO B 204 -0.83 -17.06 41.91
C PRO B 204 0.12 -16.96 43.10
N SER B 205 -0.40 -16.42 44.21
CA SER B 205 0.43 -16.19 45.39
C SER B 205 0.81 -17.50 46.08
N SER B 206 -0.03 -18.53 45.96
CA SER B 206 0.23 -19.77 46.68
C SER B 206 1.52 -20.45 46.23
N SER B 207 1.91 -20.26 44.96
CA SER B 207 3.03 -20.99 44.39
C SER B 207 4.33 -20.20 44.41
N LEU B 208 4.39 -19.07 45.12
CA LEU B 208 5.59 -18.24 45.05
C LEU B 208 6.82 -19.00 45.53
N GLY B 209 6.65 -20.00 46.39
CA GLY B 209 7.76 -20.79 46.85
C GLY B 209 7.80 -22.17 46.21
N THR B 210 6.63 -22.67 45.80
CA THR B 210 6.56 -24.01 45.22
C THR B 210 7.10 -24.04 43.80
N GLN B 211 6.77 -23.04 42.99
CA GLN B 211 7.09 -23.02 41.57
C GLN B 211 8.11 -21.94 41.27
N THR B 212 8.83 -22.13 40.16
CA THR B 212 9.84 -21.20 39.69
C THR B 212 9.31 -20.41 38.50
N TYR B 213 9.65 -19.12 38.46
CA TYR B 213 9.25 -18.23 37.36
C TYR B 213 10.50 -17.64 36.75
N ILE B 214 10.69 -17.87 35.46
CA ILE B 214 11.92 -17.53 34.75
C ILE B 214 11.56 -16.67 33.56
N CYS B 215 12.17 -15.50 33.47
CA CYS B 215 11.96 -14.61 32.33
C CYS B 215 13.08 -14.82 31.33
N ASN B 216 12.70 -15.09 30.08
CA ASN B 216 13.65 -15.43 29.02
C ASN B 216 13.80 -14.20 28.12
N VAL B 217 14.88 -13.46 28.33
CA VAL B 217 15.18 -12.26 27.56
C VAL B 217 16.00 -12.64 26.33
N ASN B 218 15.77 -11.93 25.23
CA ASN B 218 16.47 -12.18 23.98
C ASN B 218 16.90 -10.84 23.37
N HIS B 219 18.13 -10.78 22.89
CA HIS B 219 18.69 -9.60 22.22
C HIS B 219 19.56 -10.15 21.09
N LYS B 220 18.96 -10.32 19.92
CA LYS B 220 19.64 -11.01 18.82
C LYS B 220 20.82 -10.22 18.28
N PRO B 221 20.77 -8.88 18.29
CA PRO B 221 21.96 -8.13 17.85
C PRO B 221 23.22 -8.44 18.63
N SER B 222 23.12 -8.64 19.94
CA SER B 222 24.27 -8.97 20.77
C SER B 222 24.39 -10.47 21.00
N ASN B 223 23.56 -11.29 20.35
CA ASN B 223 23.57 -12.73 20.55
C ASN B 223 23.41 -13.08 22.03
N THR B 224 22.51 -12.37 22.69
CA THR B 224 22.22 -12.58 24.10
C THR B 224 20.90 -13.33 24.23
N LYS B 225 20.92 -14.45 24.96
CA LYS B 225 19.71 -15.23 25.24
C LYS B 225 19.82 -15.70 26.69
N VAL B 226 19.21 -14.93 27.59
CA VAL B 226 19.36 -15.11 29.03
C VAL B 226 18.07 -15.66 29.61
N ASP B 227 18.21 -16.39 30.71
CA ASP B 227 17.08 -16.92 31.47
C ASP B 227 17.34 -16.56 32.94
N LYS B 228 16.65 -15.54 33.44
CA LYS B 228 16.81 -15.08 34.81
C LYS B 228 15.59 -15.49 35.63
N LYS B 229 15.82 -16.19 36.74
CA LYS B 229 14.74 -16.61 37.63
C LYS B 229 14.42 -15.49 38.61
N VAL B 230 13.14 -15.17 38.74
CA VAL B 230 12.65 -14.18 39.68
C VAL B 230 12.09 -14.92 40.89
N GLU B 231 12.68 -14.68 42.05
CA GLU B 231 12.24 -15.29 43.29
C GLU B 231 12.13 -14.22 44.36
N PRO B 232 11.33 -14.46 45.41
CA PRO B 232 11.13 -13.45 46.45
C PRO B 232 12.29 -13.33 47.43
N ASP C 4 4.14 19.11 -3.99
CA ASP C 4 4.29 18.22 -2.79
C ASP C 4 3.00 18.23 -1.97
N ILE C 5 2.23 17.15 -2.05
CA ILE C 5 0.88 17.09 -1.50
C ILE C 5 0.93 16.67 -0.04
N GLN C 6 0.36 17.49 0.84
CA GLN C 6 0.31 17.21 2.28
C GLN C 6 -1.04 16.59 2.61
N MET C 7 -1.02 15.36 3.10
CA MET C 7 -2.23 14.70 3.58
C MET C 7 -2.40 15.00 5.07
N THR C 8 -3.60 15.42 5.44
CA THR C 8 -3.91 15.80 6.82
C THR C 8 -5.03 14.89 7.31
N GLN C 9 -4.70 13.98 8.22
CA GLN C 9 -5.63 12.99 8.72
C GLN C 9 -6.09 13.35 10.13
N SER C 10 -7.40 13.41 10.31
CA SER C 10 -8.01 13.81 11.57
C SER C 10 -9.24 12.97 11.84
N PRO C 11 -9.54 12.69 13.12
CA PRO C 11 -8.78 13.01 14.33
C PRO C 11 -7.62 12.04 14.48
N SER C 12 -6.58 12.39 15.22
CA SER C 12 -5.46 11.46 15.40
C SER C 12 -5.80 10.33 16.36
N THR C 13 -6.78 10.54 17.26
CA THR C 13 -7.22 9.51 18.20
C THR C 13 -8.74 9.53 18.27
N LEU C 14 -9.32 8.33 18.23
CA LEU C 14 -10.77 8.17 18.16
C LEU C 14 -11.16 7.02 19.08
N SER C 15 -11.83 7.32 20.19
CA SER C 15 -12.32 6.30 21.10
C SER C 15 -13.79 6.02 20.83
N ALA C 16 -14.14 4.74 20.82
CA ALA C 16 -15.50 4.33 20.46
C ALA C 16 -15.77 2.95 21.05
N SER C 17 -17.05 2.61 21.14
CA SER C 17 -17.50 1.34 21.68
C SER C 17 -17.81 0.38 20.54
N VAL C 18 -17.96 -0.91 20.89
CA VAL C 18 -18.28 -1.91 19.88
C VAL C 18 -19.70 -1.69 19.38
N GLY C 19 -19.88 -1.84 18.07
CA GLY C 19 -21.16 -1.59 17.43
C GLY C 19 -21.38 -0.16 17.00
N ASP C 20 -20.41 0.73 17.19
CA ASP C 20 -20.54 2.13 16.85
C ASP C 20 -20.02 2.41 15.44
N ARG C 21 -20.53 3.49 14.86
CA ARG C 21 -20.05 3.98 13.57
C ARG C 21 -19.00 5.06 13.82
N VAL C 22 -17.85 4.92 13.17
CA VAL C 22 -16.80 5.93 13.22
C VAL C 22 -16.49 6.34 11.79
N THR C 23 -15.99 7.57 11.64
CA THR C 23 -15.49 8.06 10.37
C THR C 23 -14.11 8.65 10.61
N ILE C 24 -13.20 8.41 9.65
CA ILE C 24 -11.85 8.97 9.68
C ILE C 24 -11.71 9.86 8.46
N THR C 25 -11.41 11.13 8.70
CA THR C 25 -11.29 12.12 7.63
C THR C 25 -9.82 12.31 7.26
N CYS C 26 -9.56 12.35 5.97
CA CYS C 26 -8.23 12.57 5.42
C CYS C 26 -8.38 13.56 4.28
N ARG C 27 -7.59 14.64 4.31
CA ARG C 27 -7.74 15.76 3.39
C ARG C 27 -6.40 16.20 2.83
N ALA C 28 -6.42 16.69 1.60
CA ALA C 28 -5.22 17.03 0.85
C ALA C 28 -5.16 18.52 0.57
N SER C 29 -3.92 19.03 0.49
CA SER C 29 -3.72 20.45 0.23
C SER C 29 -4.10 20.83 -1.20
N GLN C 30 -4.08 19.87 -2.12
CA GLN C 30 -4.48 20.08 -3.50
C GLN C 30 -5.12 18.79 -4.01
N THR C 31 -5.83 18.91 -5.13
CA THR C 31 -6.60 17.79 -5.65
C THR C 31 -5.70 16.57 -5.85
N ILE C 32 -6.18 15.41 -5.40
CA ILE C 32 -5.54 14.14 -5.69
C ILE C 32 -6.47 13.26 -6.52
N ASN C 33 -7.46 13.88 -7.17
CA ASN C 33 -8.48 13.17 -7.93
C ASN C 33 -9.13 12.10 -7.08
N ASN C 34 -8.98 10.83 -7.46
CA ASN C 34 -9.59 9.73 -6.72
C ASN C 34 -8.56 8.70 -6.26
N TRP C 35 -7.27 9.05 -6.29
CA TRP C 35 -6.20 8.09 -6.04
C TRP C 35 -5.79 8.13 -4.56
N LEU C 36 -6.69 7.60 -3.75
CA LEU C 36 -6.49 7.48 -2.31
C LEU C 36 -6.73 6.04 -1.90
N ALA C 37 -5.84 5.52 -1.04
CA ALA C 37 -5.97 4.18 -0.49
C ALA C 37 -5.95 4.26 1.03
N TRP C 38 -6.72 3.38 1.67
CA TRP C 38 -6.77 3.28 3.12
C TRP C 38 -6.14 1.98 3.57
N TYR C 39 -5.43 2.03 4.70
CA TYR C 39 -4.75 0.86 5.24
C TYR C 39 -5.04 0.73 6.74
N GLN C 40 -4.89 -0.49 7.24
CA GLN C 40 -4.99 -0.81 8.66
C GLN C 40 -3.66 -1.41 9.10
N GLN C 41 -3.13 -0.93 10.22
CA GLN C 41 -1.88 -1.45 10.76
C GLN C 41 -2.07 -1.78 12.23
N LYS C 42 -1.91 -3.06 12.58
CA LYS C 42 -1.82 -3.45 13.98
C LYS C 42 -0.38 -3.21 14.47
N PRO C 43 -0.21 -2.97 15.77
CA PRO C 43 1.14 -2.71 16.29
C PRO C 43 2.09 -3.86 15.98
N GLY C 44 3.28 -3.51 15.48
CA GLY C 44 4.30 -4.49 15.19
C GLY C 44 4.03 -5.35 13.99
N ARG C 45 2.98 -5.06 13.23
CA ARG C 45 2.61 -5.86 12.06
C ARG C 45 2.56 -4.96 10.83
N ALA C 46 2.64 -5.59 9.67
CA ALA C 46 2.63 -4.84 8.43
C ALA C 46 1.23 -4.33 8.14
N PRO C 47 1.11 -3.26 7.37
CA PRO C 47 -0.22 -2.75 7.02
C PRO C 47 -1.01 -3.74 6.18
N LYS C 48 -2.33 -3.62 6.27
CA LYS C 48 -3.28 -4.40 5.49
C LYS C 48 -4.14 -3.44 4.70
N VAL C 49 -4.24 -3.64 3.39
CA VAL C 49 -4.97 -2.71 2.55
C VAL C 49 -6.46 -2.90 2.74
N LEU C 50 -7.18 -1.78 2.86
CA LEU C 50 -8.63 -1.77 2.97
C LEU C 50 -9.31 -1.21 1.72
N ILE C 51 -8.93 -0.01 1.29
CA ILE C 51 -9.61 0.71 0.22
C ILE C 51 -8.59 1.19 -0.80
N TYR C 52 -8.96 1.12 -2.07
CA TYR C 52 -8.20 1.71 -3.17
C TYR C 52 -9.16 2.51 -4.04
N ALA C 53 -8.62 3.49 -4.77
CA ALA C 53 -9.44 4.40 -5.57
C ALA C 53 -10.47 5.14 -4.72
N ALA C 54 -10.25 5.17 -3.41
CA ALA C 54 -11.00 5.97 -2.45
C ALA C 54 -12.40 5.43 -2.16
N SER C 55 -12.87 4.46 -2.96
CA SER C 55 -14.17 3.88 -2.67
C SER C 55 -14.24 2.37 -2.92
N ASP C 56 -13.20 1.73 -3.42
CA ASP C 56 -13.24 0.31 -3.77
C ASP C 56 -12.62 -0.53 -2.65
N LEU C 57 -13.37 -1.52 -2.18
CA LEU C 57 -12.87 -2.45 -1.18
C LEU C 57 -12.05 -3.56 -1.83
N ASP C 58 -10.91 -3.87 -1.23
CA ASP C 58 -10.15 -5.04 -1.64
C ASP C 58 -10.92 -6.31 -1.27
N SER C 59 -10.63 -7.39 -2.00
CA SER C 59 -11.26 -8.67 -1.70
C SER C 59 -10.95 -9.10 -0.27
N GLY C 60 -11.98 -9.55 0.45
CA GLY C 60 -11.84 -10.01 1.80
C GLY C 60 -12.12 -8.97 2.86
N VAL C 61 -12.15 -7.69 2.50
CA VAL C 61 -12.45 -6.65 3.50
C VAL C 61 -13.90 -6.78 3.93
N PRO C 62 -14.22 -6.74 5.22
CA PRO C 62 -15.61 -6.85 5.64
C PRO C 62 -16.47 -5.72 5.12
N SER C 63 -17.75 -6.03 4.89
CA SER C 63 -18.67 -5.05 4.32
C SER C 63 -18.94 -3.86 5.25
N ARG C 64 -18.62 -3.96 6.54
CA ARG C 64 -18.79 -2.80 7.41
C ARG C 64 -17.83 -1.68 7.06
N PHE C 65 -16.68 -2.02 6.46
CA PHE C 65 -15.79 -0.98 5.95
C PHE C 65 -16.37 -0.36 4.68
N SER C 66 -16.20 0.94 4.55
CA SER C 66 -16.63 1.68 3.37
C SER C 66 -15.91 3.01 3.35
N ALA C 67 -15.80 3.59 2.16
CA ALA C 67 -15.09 4.85 2.01
C ALA C 67 -15.68 5.63 0.84
N SER C 68 -15.46 6.94 0.86
CA SER C 68 -15.93 7.84 -0.18
C SER C 68 -15.01 9.05 -0.22
N GLY C 69 -15.19 9.86 -1.27
CA GLY C 69 -14.45 11.09 -1.42
C GLY C 69 -13.90 11.25 -2.82
N SER C 70 -13.44 12.47 -3.09
CA SER C 70 -12.83 12.83 -4.36
C SER C 70 -12.25 14.23 -4.22
N GLY C 71 -11.11 14.46 -4.86
CA GLY C 71 -10.50 15.77 -4.87
C GLY C 71 -9.67 16.04 -3.63
N THR C 72 -10.25 16.79 -2.69
CA THR C 72 -9.58 17.14 -1.45
C THR C 72 -10.23 16.55 -0.21
N HIS C 73 -11.39 15.92 -0.34
CA HIS C 73 -12.17 15.45 0.81
C HIS C 73 -12.34 13.93 0.70
N PHE C 74 -11.89 13.21 1.72
CA PHE C 74 -12.00 11.76 1.76
C PHE C 74 -12.34 11.30 3.16
N SER C 75 -12.99 10.16 3.26
CA SER C 75 -13.46 9.67 4.55
C SER C 75 -13.59 8.16 4.50
N LEU C 76 -13.10 7.50 5.54
CA LEU C 76 -13.26 6.06 5.74
C LEU C 76 -14.24 5.85 6.89
N THR C 77 -15.25 5.02 6.67
CA THR C 77 -16.29 4.78 7.65
C THR C 77 -16.38 3.30 7.99
N ILE C 78 -16.54 3.01 9.28
CA ILE C 78 -16.77 1.66 9.78
C ILE C 78 -18.15 1.64 10.43
N SER C 79 -19.07 0.88 9.85
CA SER C 79 -20.48 1.02 10.22
C SER C 79 -20.79 0.38 11.58
N SER C 80 -20.21 -0.78 11.87
CA SER C 80 -20.50 -1.50 13.11
C SER C 80 -19.22 -2.14 13.62
N LEU C 81 -18.54 -1.45 14.52
CA LEU C 81 -17.21 -1.87 14.96
C LEU C 81 -17.25 -3.25 15.60
N GLN C 82 -16.18 -4.00 15.38
CA GLN C 82 -15.93 -5.29 16.01
C GLN C 82 -14.61 -5.22 16.77
N PRO C 83 -14.37 -6.11 17.72
CA PRO C 83 -13.14 -6.02 18.51
C PRO C 83 -11.87 -5.99 17.68
N ASP C 84 -11.86 -6.67 16.52
CA ASP C 84 -10.65 -6.70 15.69
C ASP C 84 -10.37 -5.34 15.04
N ASP C 85 -11.41 -4.56 14.76
CA ASP C 85 -11.23 -3.33 14.00
C ASP C 85 -10.40 -2.30 14.72
N PHE C 86 -10.27 -2.41 16.04
CA PHE C 86 -9.55 -1.39 16.81
C PHE C 86 -8.06 -1.51 16.51
N ALA C 87 -7.53 -0.51 15.81
CA ALA C 87 -6.17 -0.52 15.29
C ALA C 87 -5.86 0.90 14.83
N THR C 88 -4.77 1.05 14.08
CA THR C 88 -4.41 2.33 13.50
C THR C 88 -4.71 2.31 12.00
N TYR C 89 -5.20 3.43 11.49
CA TYR C 89 -5.57 3.57 10.09
C TYR C 89 -4.85 4.78 9.50
N PHE C 90 -4.40 4.67 8.25
CA PHE C 90 -3.77 5.78 7.55
C PHE C 90 -4.14 5.74 6.07
N CYS C 91 -4.24 6.93 5.48
CA CYS C 91 -4.52 7.11 4.07
C CYS C 91 -3.23 7.31 3.30
N GLN C 92 -3.24 6.94 2.02
CA GLN C 92 -2.14 7.19 1.11
C GLN C 92 -2.68 7.84 -0.15
N GLN C 93 -1.92 8.78 -0.70
CA GLN C 93 -2.25 9.45 -1.94
C GLN C 93 -1.26 8.99 -3.00
N TYR C 94 -1.76 8.45 -4.11
CA TYR C 94 -0.90 7.98 -5.19
C TYR C 94 -1.31 8.61 -6.52
N ASN C 95 -1.57 9.92 -6.49
CA ASN C 95 -1.85 10.70 -7.69
C ASN C 95 -0.59 11.31 -8.28
N GLU C 96 0.44 11.51 -7.48
CA GLU C 96 1.65 12.20 -7.89
C GLU C 96 2.84 11.67 -7.10
N PHE C 97 4.03 11.93 -7.62
CA PHE C 97 5.19 11.79 -6.76
C PHE C 97 5.60 13.15 -6.21
N PRO C 98 6.04 13.23 -4.95
CA PRO C 98 6.22 12.15 -3.99
C PRO C 98 4.88 11.62 -3.49
N VAL C 99 4.78 10.32 -3.28
CA VAL C 99 3.63 9.74 -2.60
C VAL C 99 3.68 10.16 -1.13
N THR C 100 2.56 10.63 -0.61
CA THR C 100 2.49 11.10 0.77
C THR C 100 1.34 10.42 1.52
N PHE C 101 1.53 10.27 2.82
CA PHE C 101 0.63 9.54 3.69
C PHE C 101 0.03 10.46 4.74
N GLY C 102 -1.00 9.97 5.41
CA GLY C 102 -1.50 10.62 6.61
C GLY C 102 -0.75 10.11 7.83
N GLN C 103 -0.71 10.95 8.87
CA GLN C 103 0.06 10.59 10.05
C GLN C 103 -0.62 9.48 10.86
N GLY C 104 -1.90 9.24 10.66
CA GLY C 104 -2.56 8.09 11.23
C GLY C 104 -3.60 8.47 12.28
N THR C 105 -4.52 7.54 12.52
CA THR C 105 -5.58 7.68 13.52
C THR C 105 -5.64 6.40 14.34
N LYS C 106 -5.50 6.53 15.66
CA LYS C 106 -5.48 5.38 16.56
C LYS C 106 -6.90 5.18 17.10
N LEU C 107 -7.58 4.16 16.57
CA LEU C 107 -8.91 3.80 17.03
C LEU C 107 -8.81 2.86 18.22
N GLU C 108 -9.48 3.19 19.31
CA GLU C 108 -9.30 2.51 20.59
C GLU C 108 -10.65 2.29 21.26
N LEU C 109 -10.75 1.21 22.03
CA LEU C 109 -12.03 0.82 22.63
C LEU C 109 -12.36 1.65 23.85
N LYS C 110 -13.66 1.80 24.11
CA LYS C 110 -14.19 2.62 25.18
C LYS C 110 -14.87 1.68 26.18
N ARG C 111 -14.23 1.48 27.33
CA ARG C 111 -14.75 0.64 28.40
C ARG C 111 -15.08 1.49 29.62
N THR C 112 -15.53 0.81 30.67
CA THR C 112 -15.85 1.50 31.91
C THR C 112 -14.58 1.76 32.71
N VAL C 113 -14.67 2.75 33.61
CA VAL C 113 -13.51 3.14 34.40
C VAL C 113 -13.05 1.96 35.24
N ALA C 114 -11.72 1.80 35.35
CA ALA C 114 -11.12 0.71 36.10
C ALA C 114 -9.93 1.23 36.88
N ALA C 115 -9.94 1.01 38.20
CA ALA C 115 -8.84 1.46 39.03
C ALA C 115 -7.60 0.60 38.79
N PRO C 116 -6.42 1.18 38.90
CA PRO C 116 -5.19 0.39 38.75
C PRO C 116 -4.89 -0.46 39.98
N SER C 117 -4.07 -1.48 39.75
CA SER C 117 -3.43 -2.25 40.82
C SER C 117 -2.00 -1.75 40.89
N VAL C 118 -1.67 -1.07 41.99
CA VAL C 118 -0.38 -0.39 42.13
C VAL C 118 0.57 -1.28 42.91
N PHE C 119 1.77 -1.48 42.37
CA PHE C 119 2.82 -2.27 43.01
C PHE C 119 4.14 -1.53 42.87
N ILE C 120 5.06 -1.79 43.80
CA ILE C 120 6.37 -1.14 43.82
C ILE C 120 7.44 -2.20 44.03
N PHE C 121 8.51 -2.11 43.26
CA PHE C 121 9.59 -3.10 43.28
C PHE C 121 10.92 -2.47 43.65
N PRO C 122 11.51 -2.82 44.79
CA PRO C 122 12.81 -2.25 45.14
C PRO C 122 13.90 -2.76 44.21
N PRO C 123 15.03 -2.07 44.14
CA PRO C 123 16.12 -2.54 43.28
C PRO C 123 16.74 -3.83 43.78
N SER C 124 17.19 -4.64 42.83
CA SER C 124 17.78 -5.93 43.19
C SER C 124 19.18 -5.73 43.76
N ASP C 125 19.62 -6.70 44.55
CA ASP C 125 20.99 -6.68 45.05
C ASP C 125 21.98 -6.79 43.90
N GLU C 126 21.65 -7.55 42.86
CA GLU C 126 22.54 -7.70 41.72
C GLU C 126 22.82 -6.35 41.07
N GLN C 127 21.78 -5.53 40.89
CA GLN C 127 21.96 -4.24 40.24
C GLN C 127 22.76 -3.28 41.11
N LEU C 128 22.47 -3.24 42.41
CA LEU C 128 23.21 -2.36 43.31
C LEU C 128 24.70 -2.68 43.29
N LYS C 129 25.05 -3.95 43.09
CA LYS C 129 26.45 -4.33 42.97
C LYS C 129 27.11 -3.69 41.76
N SER C 130 26.32 -3.16 40.82
CA SER C 130 26.83 -2.48 39.63
C SER C 130 26.83 -0.96 39.78
N GLY C 131 26.54 -0.44 40.98
CA GLY C 131 26.60 0.99 41.23
C GLY C 131 25.36 1.77 40.83
N THR C 132 24.32 1.12 40.33
CA THR C 132 23.09 1.78 39.93
C THR C 132 21.91 1.09 40.60
N ALA C 133 20.85 1.87 40.85
CA ALA C 133 19.63 1.37 41.46
C ALA C 133 18.43 1.87 40.68
N SER C 134 17.53 0.96 40.32
CA SER C 134 16.30 1.29 39.61
C SER C 134 15.11 0.85 40.46
N VAL C 135 14.23 1.81 40.77
CA VAL C 135 13.00 1.54 41.52
C VAL C 135 11.84 1.64 40.54
N VAL C 136 11.06 0.58 40.44
CA VAL C 136 10.01 0.47 39.45
C VAL C 136 8.66 0.51 40.17
N CYS C 137 7.75 1.31 39.63
CA CYS C 137 6.36 1.37 40.08
C CYS C 137 5.47 0.89 38.95
N LEU C 138 4.51 0.00 39.26
CA LEU C 138 3.70 -0.67 38.26
C LEU C 138 2.23 -0.35 38.49
N LEU C 139 1.61 0.31 37.51
CA LEU C 139 0.16 0.50 37.46
C LEU C 139 -0.41 -0.53 36.49
N ASN C 140 -1.36 -1.34 36.97
CA ASN C 140 -1.80 -2.54 36.26
C ASN C 140 -3.29 -2.49 35.99
N ASN C 141 -3.67 -2.60 34.70
CA ASN C 141 -5.04 -2.84 34.27
C ASN C 141 -5.99 -1.73 34.74
N PHE C 142 -5.75 -0.53 34.22
CA PHE C 142 -6.56 0.63 34.50
C PHE C 142 -7.10 1.25 33.21
N TYR C 143 -8.13 2.09 33.36
CA TYR C 143 -8.73 2.83 32.26
C TYR C 143 -9.47 4.02 32.86
N PRO C 144 -9.45 5.20 32.24
CA PRO C 144 -8.79 5.58 30.97
C PRO C 144 -7.28 5.63 31.09
N ARG C 145 -6.59 6.01 30.00
CA ARG C 145 -5.13 5.93 29.98
C ARG C 145 -4.48 6.98 30.86
N GLU C 146 -5.15 8.12 31.08
CA GLU C 146 -4.53 9.22 31.81
C GLU C 146 -4.24 8.82 33.26
N ALA C 147 -3.00 9.04 33.68
CA ALA C 147 -2.59 8.75 35.05
C ALA C 147 -1.34 9.55 35.36
N LYS C 148 -1.25 9.97 36.62
CA LYS C 148 -0.14 10.78 37.11
C LYS C 148 0.58 10.02 38.20
N VAL C 149 1.89 9.85 38.03
CA VAL C 149 2.72 9.14 38.99
C VAL C 149 3.75 10.14 39.52
N GLN C 150 3.75 10.33 40.83
CA GLN C 150 4.69 11.22 41.50
C GLN C 150 5.56 10.39 42.43
N TRP C 151 6.87 10.55 42.32
CA TRP C 151 7.81 9.86 43.19
C TRP C 151 8.14 10.73 44.40
N LYS C 152 8.14 10.11 45.58
CA LYS C 152 8.53 10.77 46.81
C LYS C 152 9.62 9.94 47.49
N VAL C 153 10.70 10.59 47.88
CA VAL C 153 11.76 9.96 48.67
C VAL C 153 11.87 10.73 49.97
N ASP C 154 11.55 10.07 51.08
CA ASP C 154 11.48 10.73 52.39
C ASP C 154 10.54 11.94 52.33
N ASN C 155 9.43 11.77 51.62
CA ASN C 155 8.41 12.80 51.45
C ASN C 155 8.88 13.98 50.60
N ALA C 156 9.97 13.81 49.86
CA ALA C 156 10.51 14.84 48.98
C ALA C 156 10.21 14.48 47.54
N LEU C 157 9.60 15.41 46.80
CA LEU C 157 9.25 15.15 45.42
C LEU C 157 10.49 15.04 44.55
N GLN C 158 10.39 14.21 43.52
CA GLN C 158 11.46 13.98 42.56
C GLN C 158 11.00 14.46 41.18
N SER C 159 11.91 15.11 40.45
CA SER C 159 11.60 15.61 39.11
C SER C 159 12.80 15.38 38.19
N GLY C 160 12.51 14.96 36.96
CA GLY C 160 13.52 14.78 35.94
C GLY C 160 14.30 13.48 36.01
N ASN C 161 14.00 12.61 36.99
CA ASN C 161 14.74 11.37 37.18
C ASN C 161 13.82 10.15 37.11
N SER C 162 12.67 10.26 36.46
CA SER C 162 11.73 9.16 36.29
C SER C 162 11.26 9.12 34.85
N GLN C 163 11.01 7.90 34.36
CA GLN C 163 10.55 7.68 32.99
C GLN C 163 9.37 6.72 32.98
N GLU C 164 8.30 7.11 32.30
CA GLU C 164 7.10 6.31 32.18
C GLU C 164 7.11 5.51 30.88
N SER C 165 6.31 4.44 30.87
CA SER C 165 6.12 3.61 29.68
C SER C 165 4.77 2.94 29.80
N VAL C 166 4.01 2.89 28.71
CA VAL C 166 2.63 2.43 28.73
C VAL C 166 2.42 1.40 27.63
N THR C 167 1.78 0.29 27.98
CA THR C 167 1.47 -0.75 27.01
C THR C 167 0.26 -0.36 26.18
N GLU C 168 0.03 -1.12 25.11
CA GLU C 168 -1.15 -0.93 24.29
C GLU C 168 -2.39 -1.46 25.03
N GLN C 169 -3.55 -1.01 24.57
CA GLN C 169 -4.80 -1.47 25.15
C GLN C 169 -4.90 -2.99 25.02
N ASP C 170 -5.22 -3.64 26.14
CA ASP C 170 -5.23 -5.11 26.17
C ASP C 170 -6.27 -5.65 25.21
N SER C 171 -5.94 -6.78 24.56
CA SER C 171 -6.84 -7.38 23.59
C SER C 171 -8.14 -7.84 24.21
N LYS C 172 -8.18 -8.09 25.52
CA LYS C 172 -9.36 -8.60 26.19
C LYS C 172 -9.88 -7.69 27.29
N ASP C 173 -8.98 -7.20 28.16
CA ASP C 173 -9.40 -6.29 29.22
C ASP C 173 -9.79 -4.91 28.67
N SER C 174 -9.16 -4.50 27.58
CA SER C 174 -9.24 -3.13 27.07
C SER C 174 -8.60 -2.14 28.04
N THR C 175 -7.71 -2.61 28.90
CA THR C 175 -7.06 -1.81 29.92
C THR C 175 -5.64 -1.46 29.51
N TYR C 176 -5.03 -0.57 30.29
CA TYR C 176 -3.65 -0.15 30.08
C TYR C 176 -2.82 -0.52 31.30
N SER C 177 -1.50 -0.56 31.10
CA SER C 177 -0.56 -0.77 32.18
C SER C 177 0.60 0.18 31.99
N LEU C 178 1.15 0.66 33.10
CA LEU C 178 2.18 1.69 33.08
C LEU C 178 3.30 1.29 34.02
N SER C 179 4.54 1.62 33.63
CA SER C 179 5.71 1.43 34.47
C SER C 179 6.41 2.78 34.59
N SER C 180 6.61 3.24 35.82
CA SER C 180 7.43 4.41 36.10
C SER C 180 8.69 3.92 36.80
N THR C 181 9.83 4.20 36.20
CA THR C 181 11.11 3.72 36.69
C THR C 181 11.93 4.90 37.20
N LEU C 182 12.35 4.82 38.46
CA LEU C 182 13.15 5.84 39.12
C LEU C 182 14.58 5.35 39.17
N THR C 183 15.49 6.06 38.49
CA THR C 183 16.86 5.61 38.34
C THR C 183 17.78 6.52 39.14
N LEU C 184 18.36 5.97 40.21
CA LEU C 184 19.31 6.66 41.06
C LEU C 184 20.65 5.93 41.03
N SER C 185 21.69 6.61 41.51
CA SER C 185 22.96 5.96 41.72
C SER C 185 22.92 5.17 43.04
N LYS C 186 23.91 4.30 43.23
CA LYS C 186 23.97 3.56 44.48
C LYS C 186 24.19 4.49 45.66
N ALA C 187 25.04 5.50 45.50
CA ALA C 187 25.30 6.46 46.58
C ALA C 187 24.04 7.24 46.93
N ASP C 188 23.34 7.76 45.92
CA ASP C 188 22.13 8.53 46.19
C ASP C 188 21.04 7.64 46.81
N TYR C 189 21.01 6.36 46.44
CA TYR C 189 19.95 5.47 46.91
C TYR C 189 20.15 5.10 48.39
N GLU C 190 21.40 5.03 48.85
CA GLU C 190 21.70 4.65 50.22
C GLU C 190 21.66 5.84 51.17
N LYS C 191 21.42 7.06 50.69
CA LYS C 191 21.29 8.22 51.55
C LYS C 191 19.88 8.38 52.09
N HIS C 192 18.89 7.87 51.37
CA HIS C 192 17.49 7.94 51.77
C HIS C 192 16.96 6.55 52.11
N LYS C 193 15.79 6.52 52.74
CA LYS C 193 15.24 5.29 53.31
C LYS C 193 13.87 4.91 52.78
N VAL C 194 12.98 5.89 52.57
CA VAL C 194 11.60 5.61 52.18
C VAL C 194 11.42 6.06 50.74
N TYR C 195 10.94 5.13 49.88
CA TYR C 195 10.70 5.39 48.47
C TYR C 195 9.23 5.11 48.18
N ALA C 196 8.45 6.17 47.99
CA ALA C 196 7.00 6.08 47.86
C ALA C 196 6.60 6.44 46.44
N CYS C 197 5.72 5.63 45.86
CA CYS C 197 5.13 5.87 44.56
C CYS C 197 3.67 6.27 44.75
N GLU C 198 3.31 7.48 44.34
CA GLU C 198 1.96 8.00 44.49
C GLU C 198 1.27 8.05 43.13
N VAL C 199 0.08 7.46 43.05
CA VAL C 199 -0.68 7.36 41.82
C VAL C 199 -1.98 8.13 41.99
N THR C 200 -2.29 8.96 40.99
CA THR C 200 -3.57 9.68 40.94
C THR C 200 -4.28 9.25 39.66
N HIS C 201 -5.49 8.71 39.81
CA HIS C 201 -6.23 8.18 38.68
C HIS C 201 -7.72 8.44 38.89
N GLN C 202 -8.47 8.41 37.79
CA GLN C 202 -9.90 8.65 37.86
C GLN C 202 -10.61 7.58 38.69
N GLY C 203 -10.20 6.32 38.53
CA GLY C 203 -10.82 5.22 39.24
C GLY C 203 -10.50 5.15 40.72
N LEU C 204 -9.61 6.01 41.20
CA LEU C 204 -9.26 6.10 42.61
C LEU C 204 -9.90 7.33 43.22
N SER C 205 -10.63 7.15 44.32
CA SER C 205 -11.29 8.28 44.96
C SER C 205 -10.28 9.31 45.44
N SER C 206 -9.18 8.86 46.03
CA SER C 206 -8.09 9.72 46.47
C SER C 206 -6.78 9.04 46.10
N PRO C 207 -5.69 9.81 46.00
CA PRO C 207 -4.43 9.21 45.55
C PRO C 207 -3.99 8.05 46.43
N VAL C 208 -3.42 7.03 45.80
CA VAL C 208 -2.88 5.85 46.47
C VAL C 208 -1.37 5.97 46.54
N THR C 209 -0.79 5.41 47.59
CA THR C 209 0.65 5.45 47.81
C THR C 209 1.14 4.06 48.21
N LYS C 210 2.02 3.49 47.38
CA LYS C 210 2.75 2.27 47.71
C LYS C 210 4.20 2.65 47.97
N SER C 211 4.78 2.10 49.03
CA SER C 211 6.12 2.50 49.44
C SER C 211 6.82 1.32 50.10
N PHE C 212 8.10 1.52 50.42
CA PHE C 212 8.89 0.54 51.12
C PHE C 212 10.04 1.26 51.82
N ASN C 213 10.60 0.59 52.83
CA ASN C 213 11.75 1.09 53.56
C ASN C 213 12.98 0.29 53.18
N ARG C 214 14.09 0.98 52.94
CA ARG C 214 15.33 0.33 52.54
C ARG C 214 15.80 -0.58 53.66
N GLY C 215 15.67 -1.89 53.43
CA GLY C 215 16.06 -2.90 54.40
C GLY C 215 14.89 -3.67 54.95
#